data_1YP8
#
_entry.id   1YP8
#
_entity_poly.entity_id   1
_entity_poly.type   'polypeptide(L)'
_entity_poly.pdbx_seq_one_letter_code
;CGESCFLGTCYTKGCSCGEWKLCYGTNGGTIFD
;
_entity_poly.pdbx_strand_id   A
#
# COMPACT_ATOMS: atom_id res chain seq x y z
N CYS A 1 -5.44 0.56 -0.75
CA CYS A 1 -5.39 -0.89 -0.80
C CYS A 1 -5.81 -1.49 0.54
N GLY A 2 -6.65 -2.51 0.47
CA GLY A 2 -7.10 -3.20 1.66
C GLY A 2 -6.03 -4.15 2.18
N GLU A 3 -4.83 -3.61 2.27
CA GLU A 3 -3.66 -4.34 2.71
C GLU A 3 -3.58 -4.47 4.23
N SER A 4 -2.50 -5.06 4.68
CA SER A 4 -2.26 -5.26 6.10
C SER A 4 -0.76 -5.26 6.41
N CYS A 5 -0.10 -4.14 6.15
CA CYS A 5 1.33 -4.00 6.41
C CYS A 5 1.60 -3.90 7.91
N PHE A 6 1.15 -4.91 8.64
CA PHE A 6 1.32 -4.95 10.09
C PHE A 6 2.80 -4.86 10.43
N LEU A 7 3.61 -5.56 9.65
CA LEU A 7 5.06 -5.54 9.85
C LEU A 7 5.65 -4.28 9.24
N GLY A 8 5.27 -4.02 7.99
CA GLY A 8 5.76 -2.86 7.29
C GLY A 8 5.59 -3.03 5.80
N THR A 9 5.87 -4.24 5.33
CA THR A 9 5.75 -4.57 3.93
C THR A 9 4.34 -5.01 3.59
N CYS A 10 3.88 -4.63 2.42
CA CYS A 10 2.54 -4.99 1.96
C CYS A 10 2.63 -6.17 1.00
N TYR A 11 1.51 -6.85 0.77
CA TYR A 11 1.48 -7.99 -0.13
C TYR A 11 1.18 -7.56 -1.56
N THR A 12 0.12 -6.78 -1.73
CA THR A 12 -0.29 -6.30 -3.05
C THR A 12 0.76 -5.37 -3.66
N LYS A 13 1.30 -5.80 -4.81
CA LYS A 13 2.32 -5.03 -5.52
C LYS A 13 1.79 -3.65 -5.91
N GLY A 14 2.59 -2.64 -5.64
CA GLY A 14 2.21 -1.29 -5.96
C GLY A 14 1.68 -0.58 -4.75
N CYS A 15 1.14 -1.34 -3.81
CA CYS A 15 0.60 -0.77 -2.59
C CYS A 15 1.73 -0.55 -1.58
N SER A 16 2.02 0.71 -1.29
CA SER A 16 3.07 1.06 -0.35
C SER A 16 2.48 1.45 0.99
N CYS A 17 2.98 0.86 2.05
CA CYS A 17 2.47 1.13 3.40
C CYS A 17 2.70 2.60 3.76
N GLY A 18 1.61 3.37 3.73
CA GLY A 18 1.68 4.77 4.06
C GLY A 18 1.84 4.98 5.54
N GLU A 19 2.42 6.14 5.92
CA GLU A 19 2.69 6.50 7.32
C GLU A 19 1.55 6.12 8.26
N TRP A 20 0.31 6.36 7.84
CA TRP A 20 -0.87 6.01 8.63
C TRP A 20 -1.12 4.50 8.64
N LYS A 21 -0.04 3.75 8.44
CA LYS A 21 -0.03 2.29 8.41
C LYS A 21 -1.08 1.74 7.44
N LEU A 22 -1.16 2.34 6.25
CA LEU A 22 -2.10 1.89 5.24
C LEU A 22 -1.47 1.90 3.86
N CYS A 23 -1.40 0.74 3.24
CA CYS A 23 -0.78 0.60 1.92
C CYS A 23 -1.63 1.23 0.82
N TYR A 24 -1.00 2.10 0.05
CA TYR A 24 -1.67 2.75 -1.06
C TYR A 24 -1.01 2.34 -2.37
N GLY A 25 -1.83 1.87 -3.29
CA GLY A 25 -1.32 1.43 -4.58
C GLY A 25 -0.96 2.59 -5.47
N THR A 26 0.23 2.54 -6.03
CA THR A 26 0.71 3.58 -6.92
C THR A 26 1.32 2.91 -8.14
N ASN A 27 0.46 2.23 -8.90
CA ASN A 27 0.90 1.53 -10.10
C ASN A 27 0.69 2.39 -11.33
N GLY A 28 1.76 2.61 -12.08
CA GLY A 28 1.68 3.42 -13.27
C GLY A 28 1.19 4.82 -12.98
N GLY A 29 1.58 5.33 -11.82
CA GLY A 29 1.16 6.67 -11.42
C GLY A 29 -0.26 6.71 -10.90
N THR A 30 -0.93 5.56 -10.89
CA THR A 30 -2.29 5.49 -10.40
C THR A 30 -2.29 5.21 -8.91
N ILE A 31 -2.90 6.12 -8.17
CA ILE A 31 -2.98 6.01 -6.72
C ILE A 31 -4.36 5.52 -6.30
N PHE A 32 -4.39 4.52 -5.43
CA PHE A 32 -5.64 3.95 -4.94
C PHE A 32 -5.40 3.26 -3.61
N ASP A 33 -6.36 3.37 -2.71
CA ASP A 33 -6.24 2.76 -1.39
C ASP A 33 -6.28 1.24 -1.51
N CYS A 1 -5.53 0.52 -0.83
CA CYS A 1 -5.50 -0.93 -0.74
C CYS A 1 -5.89 -1.36 0.67
N GLY A 2 -6.79 -2.33 0.75
CA GLY A 2 -7.26 -2.83 2.02
C GLY A 2 -6.21 -3.66 2.74
N GLU A 3 -5.08 -3.03 3.05
CA GLU A 3 -3.98 -3.70 3.72
C GLU A 3 -3.24 -2.76 4.65
N SER A 4 -2.31 -3.34 5.39
CA SER A 4 -1.48 -2.61 6.33
C SER A 4 -0.14 -3.32 6.43
N CYS A 5 0.94 -2.57 6.40
CA CYS A 5 2.29 -3.16 6.46
C CYS A 5 2.63 -3.65 7.86
N PHE A 6 1.86 -4.60 8.36
CA PHE A 6 2.09 -5.16 9.69
C PHE A 6 3.42 -5.90 9.70
N LEU A 7 3.74 -6.55 8.59
CA LEU A 7 4.99 -7.28 8.46
C LEU A 7 6.02 -6.43 7.70
N GLY A 8 6.02 -5.13 7.99
CA GLY A 8 6.94 -4.23 7.34
C GLY A 8 6.51 -3.83 5.93
N THR A 9 6.17 -4.82 5.12
CA THR A 9 5.75 -4.56 3.74
C THR A 9 4.38 -5.16 3.47
N CYS A 10 3.63 -4.50 2.58
CA CYS A 10 2.29 -4.96 2.21
C CYS A 10 2.41 -6.17 1.27
N TYR A 11 1.31 -6.90 1.10
CA TYR A 11 1.31 -8.08 0.24
C TYR A 11 0.98 -7.71 -1.21
N THR A 12 -0.07 -6.92 -1.40
CA THR A 12 -0.47 -6.52 -2.75
C THR A 12 0.59 -5.64 -3.40
N LYS A 13 1.17 -6.15 -4.49
CA LYS A 13 2.20 -5.44 -5.21
C LYS A 13 1.69 -4.10 -5.73
N GLY A 14 2.48 -3.07 -5.49
CA GLY A 14 2.10 -1.75 -5.91
C GLY A 14 1.59 -0.93 -4.75
N CYS A 15 1.02 -1.63 -3.78
CA CYS A 15 0.49 -0.95 -2.60
C CYS A 15 1.61 -0.64 -1.62
N SER A 16 1.90 0.65 -1.46
CA SER A 16 2.94 1.11 -0.57
C SER A 16 2.35 1.56 0.75
N CYS A 17 3.01 1.19 1.85
CA CYS A 17 2.53 1.57 3.17
C CYS A 17 2.74 3.06 3.42
N GLY A 18 1.77 3.68 4.06
CA GLY A 18 1.85 5.09 4.36
C GLY A 18 1.21 5.41 5.70
N GLU A 19 0.78 6.67 5.86
CA GLU A 19 0.16 7.14 7.10
C GLU A 19 -0.85 6.14 7.66
N TRP A 20 -0.84 6.00 8.98
CA TRP A 20 -1.72 5.09 9.71
C TRP A 20 -1.49 3.65 9.25
N LYS A 21 -0.29 3.40 8.71
CA LYS A 21 0.11 2.09 8.21
C LYS A 21 -0.86 1.64 7.11
N LEU A 22 -1.28 2.59 6.29
CA LEU A 22 -2.21 2.27 5.20
C LEU A 22 -1.47 2.03 3.89
N CYS A 23 -1.76 0.90 3.26
CA CYS A 23 -1.12 0.57 1.99
C CYS A 23 -1.91 1.16 0.82
N TYR A 24 -1.24 1.84 -0.08
CA TYR A 24 -1.91 2.44 -1.23
C TYR A 24 -1.13 2.14 -2.51
N GLY A 25 -1.82 1.64 -3.50
CA GLY A 25 -1.20 1.29 -4.75
C GLY A 25 -0.78 2.50 -5.56
N THR A 26 0.38 2.40 -6.17
CA THR A 26 0.92 3.47 -7.00
C THR A 26 1.53 2.86 -8.25
N ASN A 27 0.68 2.26 -9.07
CA ASN A 27 1.12 1.61 -10.30
C ASN A 27 0.91 2.52 -11.49
N GLY A 28 1.97 2.75 -12.24
CA GLY A 28 1.89 3.62 -13.41
C GLY A 28 1.42 5.01 -13.05
N GLY A 29 1.84 5.50 -11.89
CA GLY A 29 1.44 6.82 -11.45
C GLY A 29 0.01 6.87 -10.94
N THR A 30 -0.65 5.71 -10.91
CA THR A 30 -2.02 5.64 -10.44
C THR A 30 -2.04 5.27 -8.96
N ILE A 31 -2.67 6.12 -8.17
CA ILE A 31 -2.78 5.89 -6.73
C ILE A 31 -4.19 5.39 -6.39
N PHE A 32 -4.24 4.32 -5.60
CA PHE A 32 -5.50 3.73 -5.19
C PHE A 32 -5.34 3.06 -3.83
N ASP A 33 -6.32 3.25 -2.97
CA ASP A 33 -6.29 2.68 -1.62
C ASP A 33 -6.35 1.16 -1.66
N CYS A 1 -5.62 0.60 -0.82
CA CYS A 1 -5.49 -0.83 -0.64
C CYS A 1 -5.85 -1.22 0.78
N GLY A 2 -6.72 -2.20 0.91
CA GLY A 2 -7.16 -2.67 2.21
C GLY A 2 -6.09 -3.51 2.90
N GLU A 3 -4.93 -2.91 3.09
CA GLU A 3 -3.81 -3.60 3.73
C GLU A 3 -3.08 -2.69 4.70
N SER A 4 -2.22 -3.32 5.48
CA SER A 4 -1.41 -2.65 6.45
C SER A 4 -0.06 -3.36 6.49
N CYS A 5 1.02 -2.59 6.45
CA CYS A 5 2.37 -3.18 6.45
C CYS A 5 2.74 -3.73 7.83
N PHE A 6 1.96 -4.71 8.29
CA PHE A 6 2.20 -5.34 9.57
C PHE A 6 3.51 -6.12 9.50
N LEU A 7 3.72 -6.76 8.36
CA LEU A 7 4.93 -7.53 8.14
C LEU A 7 5.97 -6.67 7.43
N GLY A 8 6.04 -5.40 7.82
CA GLY A 8 7.00 -4.48 7.22
C GLY A 8 6.56 -3.98 5.86
N THR A 9 6.20 -4.90 4.97
CA THR A 9 5.78 -4.54 3.62
C THR A 9 4.40 -5.14 3.31
N CYS A 10 3.64 -4.44 2.47
CA CYS A 10 2.32 -4.90 2.07
C CYS A 10 2.44 -6.05 1.08
N TYR A 11 1.38 -6.85 0.94
CA TYR A 11 1.43 -7.99 0.03
C TYR A 11 0.98 -7.60 -1.39
N THR A 12 -0.02 -6.74 -1.48
CA THR A 12 -0.53 -6.31 -2.78
C THR A 12 0.50 -5.46 -3.53
N LYS A 13 0.85 -5.92 -4.73
CA LYS A 13 1.83 -5.23 -5.56
C LYS A 13 1.38 -3.82 -5.91
N GLY A 14 2.25 -2.87 -5.65
CA GLY A 14 1.94 -1.49 -5.94
C GLY A 14 1.49 -0.75 -4.71
N CYS A 15 0.92 -1.50 -3.76
CA CYS A 15 0.45 -0.89 -2.52
C CYS A 15 1.62 -0.66 -1.57
N SER A 16 1.90 0.61 -1.30
CA SER A 16 2.99 0.98 -0.42
C SER A 16 2.44 1.51 0.90
N CYS A 17 3.05 1.11 2.00
CA CYS A 17 2.61 1.54 3.32
C CYS A 17 2.81 3.04 3.50
N GLY A 18 1.79 3.69 4.03
CA GLY A 18 1.85 5.11 4.27
C GLY A 18 1.14 5.49 5.55
N GLU A 19 0.68 6.75 5.62
CA GLU A 19 -0.02 7.28 6.79
C GLU A 19 -1.04 6.29 7.37
N TRP A 20 -1.04 6.22 8.70
CA TRP A 20 -1.93 5.32 9.44
C TRP A 20 -1.56 3.86 9.15
N LYS A 21 -0.33 3.66 8.68
CA LYS A 21 0.18 2.34 8.31
C LYS A 21 -0.76 1.71 7.29
N LEU A 22 -1.27 2.54 6.39
CA LEU A 22 -2.19 2.08 5.37
C LEU A 22 -1.47 1.95 4.03
N CYS A 23 -1.73 0.87 3.32
CA CYS A 23 -1.08 0.65 2.03
C CYS A 23 -1.86 1.32 0.90
N TYR A 24 -1.16 2.11 0.09
CA TYR A 24 -1.77 2.80 -1.03
C TYR A 24 -1.11 2.34 -2.31
N GLY A 25 -1.90 1.92 -3.27
CA GLY A 25 -1.37 1.45 -4.53
C GLY A 25 -0.94 2.57 -5.44
N THR A 26 0.26 2.45 -5.97
CA THR A 26 0.82 3.44 -6.87
C THR A 26 1.47 2.72 -8.07
N ASN A 27 0.62 2.11 -8.88
CA ASN A 27 1.09 1.37 -10.04
C ASN A 27 1.17 2.29 -11.25
N GLY A 28 2.39 2.58 -11.68
CA GLY A 28 2.58 3.44 -12.83
C GLY A 28 2.01 4.83 -12.59
N GLY A 29 2.13 5.32 -11.37
CA GLY A 29 1.62 6.63 -11.03
C GLY A 29 0.13 6.63 -10.70
N THR A 30 -0.53 5.50 -10.88
CA THR A 30 -1.94 5.39 -10.58
C THR A 30 -2.12 5.07 -9.10
N ILE A 31 -2.85 5.93 -8.41
CA ILE A 31 -3.10 5.73 -6.99
C ILE A 31 -4.44 5.06 -6.75
N PHE A 32 -4.48 4.19 -5.76
CA PHE A 32 -5.69 3.46 -5.40
C PHE A 32 -5.52 2.91 -4.00
N ASP A 33 -6.54 3.10 -3.18
CA ASP A 33 -6.50 2.63 -1.79
C ASP A 33 -6.44 1.11 -1.72
N CYS A 1 -5.61 0.85 -0.70
CA CYS A 1 -5.55 -0.59 -0.52
C CYS A 1 -5.80 -0.97 0.93
N GLY A 2 -6.68 -1.93 1.16
CA GLY A 2 -6.97 -2.39 2.51
C GLY A 2 -5.86 -3.29 3.02
N GLU A 3 -4.63 -2.89 2.75
CA GLU A 3 -3.44 -3.62 3.13
C GLU A 3 -2.93 -3.18 4.49
N SER A 4 -1.95 -3.90 4.99
CA SER A 4 -1.33 -3.59 6.26
C SER A 4 0.11 -4.09 6.28
N CYS A 5 1.06 -3.18 6.44
CA CYS A 5 2.46 -3.54 6.45
C CYS A 5 2.88 -4.13 7.80
N PHE A 6 2.10 -5.09 8.29
CA PHE A 6 2.39 -5.75 9.55
C PHE A 6 3.68 -6.54 9.47
N LEU A 7 3.97 -7.07 8.29
CA LEU A 7 5.19 -7.83 8.06
C LEU A 7 6.24 -6.95 7.41
N GLY A 8 6.30 -5.70 7.82
CA GLY A 8 7.25 -4.76 7.27
C GLY A 8 6.79 -4.16 5.95
N THR A 9 6.22 -5.00 5.10
CA THR A 9 5.74 -4.55 3.79
C THR A 9 4.36 -5.13 3.50
N CYS A 10 3.57 -4.39 2.72
CA CYS A 10 2.23 -4.82 2.34
C CYS A 10 2.32 -6.01 1.38
N TYR A 11 1.23 -6.75 1.24
CA TYR A 11 1.22 -7.92 0.38
C TYR A 11 0.84 -7.54 -1.05
N THR A 12 -0.20 -6.72 -1.21
CA THR A 12 -0.65 -6.31 -2.52
C THR A 12 0.42 -5.43 -3.20
N LYS A 13 0.99 -5.96 -4.27
CA LYS A 13 2.04 -5.27 -5.01
C LYS A 13 1.55 -3.93 -5.54
N GLY A 14 2.36 -2.92 -5.35
CA GLY A 14 2.01 -1.59 -5.79
C GLY A 14 1.51 -0.75 -4.63
N CYS A 15 0.91 -1.42 -3.65
CA CYS A 15 0.40 -0.73 -2.48
C CYS A 15 1.53 -0.49 -1.48
N SER A 16 1.86 0.77 -1.27
CA SER A 16 2.93 1.15 -0.36
C SER A 16 2.34 1.66 0.96
N CYS A 17 2.82 1.11 2.06
CA CYS A 17 2.33 1.50 3.37
C CYS A 17 2.64 2.97 3.66
N GLY A 18 1.63 3.70 4.09
CA GLY A 18 1.80 5.10 4.39
C GLY A 18 1.09 5.50 5.68
N GLU A 19 0.71 6.77 5.78
CA GLU A 19 0.05 7.32 6.96
C GLU A 19 -1.03 6.39 7.51
N TRP A 20 -1.08 6.31 8.84
CA TRP A 20 -2.04 5.48 9.56
C TRP A 20 -1.91 4.01 9.14
N LYS A 21 -0.71 3.63 8.72
CA LYS A 21 -0.41 2.27 8.29
C LYS A 21 -1.29 1.89 7.08
N LEU A 22 -1.58 2.86 6.22
CA LEU A 22 -2.42 2.61 5.07
C LEU A 22 -1.60 2.44 3.80
N CYS A 23 -1.66 1.27 3.21
CA CYS A 23 -0.93 1.01 1.97
C CYS A 23 -1.71 1.54 0.78
N TYR A 24 -1.06 2.36 -0.04
CA TYR A 24 -1.71 2.93 -1.21
C TYR A 24 -1.02 2.46 -2.47
N GLY A 25 -1.80 1.96 -3.40
CA GLY A 25 -1.27 1.50 -4.64
C GLY A 25 -0.91 2.63 -5.55
N THR A 26 0.25 2.54 -6.17
CA THR A 26 0.73 3.57 -7.08
C THR A 26 1.49 2.91 -8.21
N ASN A 27 0.76 2.14 -9.00
CA ASN A 27 1.33 1.44 -10.14
C ASN A 27 1.24 2.28 -11.39
N GLY A 28 2.38 2.58 -11.98
CA GLY A 28 2.41 3.39 -13.19
C GLY A 28 1.75 4.75 -12.99
N GLY A 29 1.91 5.30 -11.79
CA GLY A 29 1.33 6.59 -11.49
C GLY A 29 -0.13 6.50 -11.06
N THR A 30 -0.72 5.31 -11.15
CA THR A 30 -2.10 5.13 -10.76
C THR A 30 -2.18 4.89 -9.25
N ILE A 31 -2.82 5.82 -8.57
CA ILE A 31 -2.98 5.75 -7.12
C ILE A 31 -4.36 5.24 -6.74
N PHE A 32 -4.40 4.30 -5.81
CA PHE A 32 -5.64 3.72 -5.33
C PHE A 32 -5.44 3.18 -3.91
N ASP A 33 -6.45 3.37 -3.07
CA ASP A 33 -6.40 2.91 -1.69
C ASP A 33 -6.40 1.39 -1.60
N CYS A 1 -5.46 0.47 -0.65
CA CYS A 1 -5.42 -0.98 -0.60
C CYS A 1 -5.81 -1.46 0.79
N GLY A 2 -6.72 -2.42 0.84
CA GLY A 2 -7.20 -2.95 2.11
C GLY A 2 -6.17 -3.82 2.81
N GLU A 3 -5.01 -3.24 3.09
CA GLU A 3 -3.92 -3.94 3.75
C GLU A 3 -3.16 -3.03 4.69
N SER A 4 -2.43 -3.65 5.60
CA SER A 4 -1.61 -2.95 6.56
C SER A 4 -0.25 -3.65 6.63
N CYS A 5 0.82 -2.88 6.51
CA CYS A 5 2.17 -3.43 6.51
C CYS A 5 2.59 -3.97 7.88
N PHE A 6 1.93 -5.03 8.32
CA PHE A 6 2.25 -5.65 9.60
C PHE A 6 3.62 -6.28 9.53
N LEU A 7 3.94 -6.87 8.38
CA LEU A 7 5.23 -7.51 8.17
C LEU A 7 6.15 -6.59 7.40
N GLY A 8 6.19 -5.32 7.80
CA GLY A 8 7.03 -4.33 7.14
C GLY A 8 6.41 -3.83 5.85
N THR A 9 5.92 -4.74 5.04
CA THR A 9 5.29 -4.40 3.77
C THR A 9 4.02 -5.24 3.58
N CYS A 10 3.16 -4.78 2.70
CA CYS A 10 1.91 -5.47 2.41
C CYS A 10 2.13 -6.55 1.35
N TYR A 11 1.08 -7.29 1.04
CA TYR A 11 1.16 -8.37 0.06
C TYR A 11 0.90 -7.88 -1.37
N THR A 12 -0.12 -7.04 -1.54
CA THR A 12 -0.45 -6.53 -2.86
C THR A 12 0.68 -5.67 -3.41
N LYS A 13 1.35 -6.19 -4.43
CA LYS A 13 2.47 -5.50 -5.04
C LYS A 13 1.99 -4.21 -5.70
N GLY A 14 2.59 -3.11 -5.29
CA GLY A 14 2.20 -1.83 -5.79
C GLY A 14 1.67 -0.98 -4.66
N CYS A 15 1.10 -1.65 -3.67
CA CYS A 15 0.56 -0.97 -2.50
C CYS A 15 1.68 -0.69 -1.51
N SER A 16 1.99 0.59 -1.34
CA SER A 16 3.06 1.01 -0.44
C SER A 16 2.47 1.54 0.85
N CYS A 17 3.01 1.11 1.97
CA CYS A 17 2.53 1.55 3.27
C CYS A 17 2.84 3.02 3.49
N GLY A 18 1.84 3.77 3.91
CA GLY A 18 2.00 5.19 4.14
C GLY A 18 1.06 5.70 5.22
N GLU A 19 0.50 6.90 5.01
CA GLU A 19 -0.40 7.56 5.96
C GLU A 19 -1.34 6.58 6.66
N TRP A 20 -1.45 6.74 7.99
CA TRP A 20 -2.29 5.89 8.84
C TRP A 20 -1.80 4.44 8.81
N LYS A 21 -0.54 4.28 8.41
CA LYS A 21 0.11 2.98 8.29
C LYS A 21 -0.69 2.10 7.33
N LEU A 22 -1.20 2.71 6.28
CA LEU A 22 -2.01 2.00 5.28
C LEU A 22 -1.30 1.93 3.94
N CYS A 23 -1.39 0.78 3.28
CA CYS A 23 -0.76 0.60 1.98
C CYS A 23 -1.64 1.12 0.86
N TYR A 24 -1.04 1.92 -0.02
CA TYR A 24 -1.76 2.47 -1.16
C TYR A 24 -1.00 2.17 -2.44
N GLY A 25 -1.73 1.71 -3.44
CA GLY A 25 -1.13 1.37 -4.71
C GLY A 25 -0.66 2.58 -5.47
N THR A 26 0.43 2.41 -6.21
CA THR A 26 1.01 3.46 -7.02
C THR A 26 1.48 2.86 -8.33
N ASN A 27 0.53 2.33 -9.08
CA ASN A 27 0.81 1.69 -10.35
C ASN A 27 0.76 2.69 -11.48
N GLY A 28 1.90 2.91 -12.12
CA GLY A 28 1.98 3.86 -13.22
C GLY A 28 1.55 5.25 -12.79
N GLY A 29 1.89 5.60 -11.55
CA GLY A 29 1.53 6.90 -11.01
C GLY A 29 0.10 6.95 -10.50
N THR A 30 -0.64 5.86 -10.68
CA THR A 30 -2.01 5.82 -10.21
C THR A 30 -2.05 5.42 -8.75
N ILE A 31 -2.66 6.28 -7.94
CA ILE A 31 -2.77 6.05 -6.51
C ILE A 31 -4.16 5.47 -6.18
N PHE A 32 -4.18 4.43 -5.37
CA PHE A 32 -5.43 3.81 -4.96
C PHE A 32 -5.25 3.10 -3.63
N ASP A 33 -6.23 3.25 -2.74
CA ASP A 33 -6.19 2.64 -1.42
C ASP A 33 -6.23 1.12 -1.50
N CYS A 1 -5.62 0.56 -0.83
CA CYS A 1 -5.52 -0.89 -0.75
C CYS A 1 -5.88 -1.37 0.64
N GLY A 2 -6.73 -2.38 0.72
CA GLY A 2 -7.13 -2.94 2.01
C GLY A 2 -6.04 -3.81 2.59
N GLU A 3 -4.84 -3.26 2.60
CA GLU A 3 -3.65 -3.94 3.09
C GLU A 3 -3.48 -3.80 4.59
N SER A 4 -2.47 -4.49 5.09
CA SER A 4 -2.13 -4.48 6.50
C SER A 4 -0.64 -4.72 6.67
N CYS A 5 0.14 -3.69 6.36
CA CYS A 5 1.60 -3.76 6.45
C CYS A 5 2.09 -3.80 7.90
N PHE A 6 1.57 -4.74 8.69
CA PHE A 6 1.98 -4.88 10.08
C PHE A 6 3.46 -5.27 10.15
N LEU A 7 3.92 -5.96 9.11
CA LEU A 7 5.31 -6.37 9.03
C LEU A 7 6.10 -5.37 8.21
N GLY A 8 5.64 -4.12 8.22
CA GLY A 8 6.30 -3.06 7.47
C GLY A 8 6.00 -3.09 5.98
N THR A 9 6.03 -4.27 5.40
CA THR A 9 5.78 -4.44 3.97
C THR A 9 4.35 -4.89 3.71
N CYS A 10 3.82 -4.47 2.56
CA CYS A 10 2.47 -4.83 2.15
C CYS A 10 2.51 -6.11 1.33
N TYR A 11 1.40 -6.82 1.24
CA TYR A 11 1.33 -8.05 0.48
C TYR A 11 0.98 -7.76 -0.97
N THR A 12 0.02 -6.86 -1.18
CA THR A 12 -0.39 -6.48 -2.51
C THR A 12 0.68 -5.61 -3.17
N LYS A 13 1.41 -6.19 -4.10
CA LYS A 13 2.48 -5.48 -4.80
C LYS A 13 1.91 -4.29 -5.54
N GLY A 14 2.53 -3.14 -5.33
CA GLY A 14 2.07 -1.92 -5.94
C GLY A 14 1.53 -0.98 -4.89
N CYS A 15 1.02 -1.57 -3.80
CA CYS A 15 0.49 -0.80 -2.70
C CYS A 15 1.60 -0.44 -1.72
N SER A 16 1.87 0.86 -1.59
CA SER A 16 2.92 1.34 -0.70
C SER A 16 2.36 1.64 0.69
N CYS A 17 2.98 1.08 1.72
CA CYS A 17 2.51 1.27 3.09
C CYS A 17 2.66 2.72 3.54
N GLY A 18 1.53 3.35 3.81
CA GLY A 18 1.52 4.71 4.27
C GLY A 18 1.66 4.76 5.78
N GLU A 19 2.27 5.84 6.29
CA GLU A 19 2.51 6.04 7.72
C GLU A 19 1.32 5.61 8.60
N TRP A 20 0.11 5.98 8.18
CA TRP A 20 -1.10 5.63 8.94
C TRP A 20 -1.48 4.16 8.75
N LYS A 21 -0.46 3.30 8.59
CA LYS A 21 -0.66 1.87 8.40
C LYS A 21 -1.66 1.61 7.27
N LEU A 22 -1.45 2.26 6.14
CA LEU A 22 -2.37 2.10 5.01
C LEU A 22 -1.61 2.07 3.69
N CYS A 23 -1.60 0.91 3.05
CA CYS A 23 -0.92 0.76 1.78
C CYS A 23 -1.77 1.30 0.64
N TYR A 24 -1.16 2.11 -0.22
CA TYR A 24 -1.86 2.68 -1.35
C TYR A 24 -1.11 2.36 -2.64
N GLY A 25 -1.84 1.82 -3.60
CA GLY A 25 -1.26 1.45 -4.87
C GLY A 25 -0.84 2.65 -5.68
N THR A 26 0.29 2.53 -6.36
CA THR A 26 0.81 3.59 -7.19
C THR A 26 1.41 3.00 -8.46
N ASN A 27 0.54 2.39 -9.26
CA ASN A 27 0.97 1.76 -10.50
C ASN A 27 0.79 2.71 -11.67
N GLY A 28 1.87 2.98 -12.37
CA GLY A 28 1.82 3.89 -13.51
C GLY A 28 1.34 5.26 -13.10
N GLY A 29 1.71 5.68 -11.89
CA GLY A 29 1.30 6.98 -11.40
C GLY A 29 -0.13 6.98 -10.88
N THR A 30 -0.82 5.86 -11.00
CA THR A 30 -2.19 5.76 -10.52
C THR A 30 -2.21 5.37 -9.06
N ILE A 31 -2.82 6.22 -8.25
CA ILE A 31 -2.92 5.99 -6.82
C ILE A 31 -4.30 5.47 -6.46
N PHE A 32 -4.34 4.41 -5.66
CA PHE A 32 -5.60 3.81 -5.23
C PHE A 32 -5.42 3.14 -3.88
N ASP A 33 -6.43 3.26 -3.03
CA ASP A 33 -6.39 2.68 -1.70
C ASP A 33 -6.36 1.15 -1.75
N CYS A 1 -5.37 0.40 -0.74
CA CYS A 1 -5.39 -1.05 -0.81
C CYS A 1 -5.92 -1.61 0.50
N GLY A 2 -6.79 -2.61 0.39
CA GLY A 2 -7.37 -3.25 1.57
C GLY A 2 -6.38 -4.12 2.32
N GLU A 3 -5.32 -3.49 2.83
CA GLU A 3 -4.30 -4.20 3.57
C GLU A 3 -3.71 -3.33 4.67
N SER A 4 -2.75 -3.89 5.37
CA SER A 4 -2.06 -3.20 6.43
C SER A 4 -0.63 -3.74 6.54
N CYS A 5 0.34 -2.87 6.34
CA CYS A 5 1.75 -3.23 6.39
C CYS A 5 2.18 -3.47 7.84
N PHE A 6 1.56 -4.44 8.48
CA PHE A 6 1.87 -4.78 9.86
C PHE A 6 3.34 -5.13 9.99
N LEU A 7 3.84 -5.86 9.01
CA LEU A 7 5.25 -6.25 9.01
C LEU A 7 6.06 -5.32 8.11
N GLY A 8 5.58 -4.08 8.00
CA GLY A 8 6.27 -3.09 7.18
C GLY A 8 5.98 -3.24 5.69
N THR A 9 5.97 -4.46 5.22
CA THR A 9 5.73 -4.74 3.82
C THR A 9 4.29 -5.21 3.58
N CYS A 10 3.73 -4.82 2.45
CA CYS A 10 2.38 -5.20 2.09
C CYS A 10 2.44 -6.43 1.17
N TYR A 11 1.32 -7.12 0.99
CA TYR A 11 1.29 -8.30 0.15
C TYR A 11 0.98 -7.93 -1.30
N THR A 12 -0.06 -7.12 -1.51
CA THR A 12 -0.45 -6.70 -2.85
C THR A 12 0.63 -5.83 -3.48
N LYS A 13 1.20 -6.32 -4.58
CA LYS A 13 2.24 -5.60 -5.29
C LYS A 13 1.70 -4.30 -5.83
N GLY A 14 2.46 -3.23 -5.61
CA GLY A 14 2.04 -1.93 -6.04
C GLY A 14 1.58 -1.11 -4.86
N CYS A 15 1.06 -1.79 -3.85
CA CYS A 15 0.59 -1.14 -2.64
C CYS A 15 1.77 -0.90 -1.70
N SER A 16 2.08 0.36 -1.46
CA SER A 16 3.20 0.75 -0.62
C SER A 16 2.71 1.24 0.73
N CYS A 17 3.42 0.85 1.78
CA CYS A 17 3.06 1.25 3.13
C CYS A 17 3.15 2.77 3.27
N GLY A 18 2.10 3.38 3.79
CA GLY A 18 2.08 4.82 3.95
C GLY A 18 1.36 5.26 5.21
N GLU A 19 0.94 6.53 5.22
CA GLU A 19 0.25 7.14 6.36
C GLU A 19 -0.80 6.22 6.99
N TRP A 20 -0.86 6.26 8.32
CA TRP A 20 -1.80 5.44 9.10
C TRP A 20 -1.46 3.96 8.92
N LYS A 21 -0.23 3.70 8.47
CA LYS A 21 0.26 2.35 8.23
C LYS A 21 -0.63 1.65 7.21
N LEU A 22 -1.10 2.42 6.24
CA LEU A 22 -1.98 1.90 5.21
C LEU A 22 -1.24 1.67 3.90
N CYS A 23 -1.55 0.57 3.23
CA CYS A 23 -0.92 0.26 1.96
C CYS A 23 -1.65 0.95 0.82
N TYR A 24 -0.92 1.72 0.03
CA TYR A 24 -1.52 2.43 -1.09
C TYR A 24 -0.86 2.06 -2.40
N GLY A 25 -1.65 1.59 -3.34
CA GLY A 25 -1.14 1.22 -4.63
C GLY A 25 -0.78 2.42 -5.46
N THR A 26 0.42 2.41 -6.01
CA THR A 26 0.90 3.51 -6.84
C THR A 26 1.43 2.96 -8.16
N ASN A 27 0.52 2.43 -8.97
CA ASN A 27 0.90 1.85 -10.25
C ASN A 27 0.66 2.84 -11.38
N GLY A 28 1.70 3.05 -12.19
CA GLY A 28 1.60 3.98 -13.30
C GLY A 28 1.22 5.38 -12.86
N GLY A 29 1.73 5.77 -11.70
CA GLY A 29 1.43 7.09 -11.17
C GLY A 29 0.02 7.17 -10.60
N THR A 30 -0.69 6.06 -10.58
CA THR A 30 -2.04 6.02 -10.04
C THR A 30 -2.02 5.58 -8.60
N ILE A 31 -2.58 6.40 -7.73
CA ILE A 31 -2.64 6.11 -6.30
C ILE A 31 -4.04 5.63 -5.93
N PHE A 32 -4.10 4.51 -5.23
CA PHE A 32 -5.37 3.94 -4.80
C PHE A 32 -5.18 3.17 -3.50
N ASP A 33 -6.13 3.32 -2.60
CA ASP A 33 -6.07 2.65 -1.30
C ASP A 33 -6.19 1.14 -1.47
N CYS A 1 -5.44 0.56 -0.76
CA CYS A 1 -5.36 -0.88 -0.63
C CYS A 1 -5.70 -1.27 0.79
N GLY A 2 -6.61 -2.23 0.93
CA GLY A 2 -7.02 -2.69 2.25
C GLY A 2 -5.97 -3.55 2.92
N GLU A 3 -4.76 -3.02 3.01
CA GLU A 3 -3.65 -3.73 3.62
C GLU A 3 -2.82 -2.80 4.49
N SER A 4 -2.18 -3.39 5.48
CA SER A 4 -1.33 -2.66 6.39
C SER A 4 0.02 -3.39 6.50
N CYS A 5 1.10 -2.63 6.45
CA CYS A 5 2.44 -3.22 6.52
C CYS A 5 2.78 -3.68 7.94
N PHE A 6 1.92 -4.52 8.50
CA PHE A 6 2.11 -5.05 9.84
C PHE A 6 3.37 -5.90 9.87
N LEU A 7 3.60 -6.63 8.78
CA LEU A 7 4.78 -7.48 8.66
C LEU A 7 5.86 -6.77 7.85
N GLY A 8 6.03 -5.48 8.13
CA GLY A 8 7.02 -4.69 7.42
C GLY A 8 6.55 -4.23 6.04
N THR A 9 5.91 -5.13 5.32
CA THR A 9 5.41 -4.83 3.98
C THR A 9 4.06 -5.51 3.76
N CYS A 10 3.23 -4.93 2.90
CA CYS A 10 1.91 -5.47 2.61
C CYS A 10 2.01 -6.68 1.66
N TYR A 11 0.93 -6.98 0.96
CA TYR A 11 0.94 -8.11 0.03
C TYR A 11 0.71 -7.67 -1.41
N THR A 12 -0.25 -6.78 -1.62
CA THR A 12 -0.55 -6.32 -2.97
C THR A 12 0.61 -5.48 -3.51
N LYS A 13 1.30 -6.03 -4.50
CA LYS A 13 2.44 -5.36 -5.11
C LYS A 13 1.98 -4.08 -5.78
N GLY A 14 2.59 -2.98 -5.37
CA GLY A 14 2.23 -1.70 -5.89
C GLY A 14 1.71 -0.81 -4.78
N CYS A 15 1.15 -1.45 -3.76
CA CYS A 15 0.61 -0.74 -2.61
C CYS A 15 1.75 -0.40 -1.64
N SER A 16 2.02 0.88 -1.49
CA SER A 16 3.09 1.33 -0.61
C SER A 16 2.50 1.79 0.72
N CYS A 17 3.10 1.32 1.81
CA CYS A 17 2.61 1.66 3.14
C CYS A 17 2.85 3.13 3.44
N GLY A 18 1.87 3.75 4.07
CA GLY A 18 1.98 5.15 4.42
C GLY A 18 1.15 5.50 5.64
N GLU A 19 0.64 6.74 5.69
CA GLU A 19 -0.17 7.24 6.82
C GLU A 19 -1.13 6.19 7.36
N TRP A 20 -1.18 6.11 8.69
CA TRP A 20 -2.04 5.16 9.41
C TRP A 20 -1.61 3.72 9.11
N LYS A 21 -0.38 3.56 8.64
CA LYS A 21 0.18 2.26 8.30
C LYS A 21 -0.67 1.60 7.23
N LEU A 22 -1.15 2.41 6.28
CA LEU A 22 -1.99 1.92 5.21
C LEU A 22 -1.26 1.91 3.88
N CYS A 23 -1.37 0.81 3.14
CA CYS A 23 -0.73 0.69 1.85
C CYS A 23 -1.60 1.26 0.74
N TYR A 24 -1.01 2.09 -0.11
CA TYR A 24 -1.73 2.68 -1.23
C TYR A 24 -1.02 2.36 -2.53
N GLY A 25 -1.76 1.85 -3.49
CA GLY A 25 -1.20 1.48 -4.77
C GLY A 25 -0.82 2.68 -5.61
N THR A 26 0.29 2.55 -6.32
CA THR A 26 0.79 3.60 -7.17
C THR A 26 1.42 2.97 -8.42
N ASN A 27 0.58 2.30 -9.19
CA ASN A 27 1.03 1.62 -10.40
C ASN A 27 0.96 2.56 -11.59
N GLY A 28 2.12 2.90 -12.15
CA GLY A 28 2.16 3.80 -13.29
C GLY A 28 1.56 5.14 -12.98
N GLY A 29 1.70 5.58 -11.72
CA GLY A 29 1.16 6.86 -11.32
C GLY A 29 -0.28 6.75 -10.84
N THR A 30 -0.89 5.59 -11.03
CA THR A 30 -2.27 5.38 -10.60
C THR A 30 -2.31 5.10 -9.11
N ILE A 31 -2.94 5.98 -8.38
CA ILE A 31 -3.06 5.84 -6.93
C ILE A 31 -4.42 5.26 -6.56
N PHE A 32 -4.39 4.25 -5.70
CA PHE A 32 -5.61 3.60 -5.24
C PHE A 32 -5.39 3.00 -3.86
N ASP A 33 -6.36 3.18 -2.98
CA ASP A 33 -6.27 2.67 -1.61
C ASP A 33 -6.28 1.14 -1.60
N CYS A 1 -5.29 0.59 -0.84
CA CYS A 1 -5.29 -0.86 -0.76
C CYS A 1 -5.71 -1.30 0.62
N GLY A 2 -6.58 -2.29 0.68
CA GLY A 2 -7.04 -2.81 1.97
C GLY A 2 -6.00 -3.62 2.68
N GLU A 3 -4.84 -3.03 2.91
CA GLU A 3 -3.73 -3.70 3.57
C GLU A 3 -2.99 -2.76 4.50
N SER A 4 -2.29 -3.36 5.43
CA SER A 4 -1.48 -2.65 6.40
C SER A 4 -0.16 -3.39 6.53
N CYS A 5 0.95 -2.67 6.53
CA CYS A 5 2.27 -3.29 6.63
C CYS A 5 2.54 -3.82 8.04
N PHE A 6 1.66 -4.68 8.52
CA PHE A 6 1.81 -5.28 9.84
C PHE A 6 3.03 -6.18 9.83
N LEU A 7 3.21 -6.89 8.73
CA LEU A 7 4.35 -7.79 8.57
C LEU A 7 5.52 -7.05 7.94
N GLY A 8 5.71 -5.80 8.35
CA GLY A 8 6.78 -4.98 7.82
C GLY A 8 6.48 -4.42 6.45
N THR A 9 6.10 -5.28 5.52
CA THR A 9 5.80 -4.87 4.16
C THR A 9 4.42 -5.37 3.74
N CYS A 10 3.79 -4.64 2.82
CA CYS A 10 2.47 -5.00 2.31
C CYS A 10 2.56 -6.23 1.42
N TYR A 11 1.44 -6.91 1.22
CA TYR A 11 1.41 -8.11 0.38
C TYR A 11 1.11 -7.77 -1.07
N THR A 12 0.12 -6.91 -1.29
CA THR A 12 -0.25 -6.52 -2.64
C THR A 12 0.82 -5.63 -3.26
N LYS A 13 1.50 -6.16 -4.27
CA LYS A 13 2.55 -5.44 -4.97
C LYS A 13 2.01 -4.14 -5.56
N GLY A 14 2.74 -3.07 -5.32
CA GLY A 14 2.32 -1.77 -5.80
C GLY A 14 1.78 -0.92 -4.68
N CYS A 15 1.26 -1.59 -3.65
CA CYS A 15 0.73 -0.90 -2.49
C CYS A 15 1.85 -0.63 -1.49
N SER A 16 2.12 0.64 -1.23
CA SER A 16 3.16 1.03 -0.30
C SER A 16 2.57 1.52 1.00
N CYS A 17 3.13 1.08 2.11
CA CYS A 17 2.64 1.48 3.43
C CYS A 17 2.91 2.96 3.69
N GLY A 18 1.95 3.63 4.29
CA GLY A 18 2.09 5.03 4.58
C GLY A 18 1.26 5.44 5.78
N GLU A 19 0.88 6.73 5.83
CA GLU A 19 0.09 7.30 6.94
C GLU A 19 -0.99 6.35 7.44
N TRP A 20 -1.14 6.30 8.77
CA TRP A 20 -2.12 5.43 9.42
C TRP A 20 -1.75 3.96 9.20
N LYS A 21 -0.51 3.75 8.76
CA LYS A 21 0.03 2.42 8.49
C LYS A 21 -0.81 1.71 7.43
N LEU A 22 -1.26 2.47 6.43
CA LEU A 22 -2.08 1.89 5.36
C LEU A 22 -1.28 1.80 4.07
N CYS A 23 -1.53 0.75 3.31
CA CYS A 23 -0.83 0.55 2.04
C CYS A 23 -1.62 1.15 0.88
N TYR A 24 -0.96 1.98 0.08
CA TYR A 24 -1.61 2.61 -1.07
C TYR A 24 -0.89 2.21 -2.36
N GLY A 25 -1.66 1.74 -3.31
CA GLY A 25 -1.10 1.31 -4.58
C GLY A 25 -0.84 2.47 -5.51
N THR A 26 0.27 2.38 -6.24
CA THR A 26 0.65 3.41 -7.18
C THR A 26 1.41 2.81 -8.36
N ASN A 27 0.73 2.71 -9.49
CA ASN A 27 1.33 2.15 -10.69
C ASN A 27 0.69 2.79 -11.91
N GLY A 28 1.47 2.96 -12.98
CA GLY A 28 0.96 3.60 -14.18
C GLY A 28 0.47 5.00 -13.93
N GLY A 29 1.12 5.69 -12.99
CA GLY A 29 0.74 7.04 -12.65
C GLY A 29 -0.65 7.11 -12.02
N THR A 30 -1.07 6.02 -11.39
CA THR A 30 -2.36 5.96 -10.76
C THR A 30 -2.23 5.58 -9.29
N ILE A 31 -2.90 6.32 -8.42
CA ILE A 31 -2.85 6.06 -6.99
C ILE A 31 -4.22 5.56 -6.51
N PHE A 32 -4.21 4.52 -5.71
CA PHE A 32 -5.45 3.93 -5.19
C PHE A 32 -5.19 3.23 -3.86
N ASP A 33 -6.12 3.37 -2.93
CA ASP A 33 -5.98 2.78 -1.61
C ASP A 33 -6.08 1.26 -1.67
N CYS A 1 -5.45 0.61 -0.81
CA CYS A 1 -5.38 -0.83 -0.69
C CYS A 1 -5.81 -1.23 0.72
N GLY A 2 -6.79 -2.12 0.79
CA GLY A 2 -7.31 -2.58 2.06
C GLY A 2 -6.35 -3.49 2.79
N GLU A 3 -5.14 -3.03 2.99
CA GLU A 3 -4.11 -3.78 3.66
C GLU A 3 -3.28 -2.90 4.57
N SER A 4 -2.70 -3.50 5.58
CA SER A 4 -1.84 -2.82 6.52
C SER A 4 -0.51 -3.55 6.61
N CYS A 5 0.59 -2.80 6.59
CA CYS A 5 1.90 -3.42 6.63
C CYS A 5 2.23 -4.03 7.99
N PHE A 6 1.97 -5.32 8.13
CA PHE A 6 2.27 -6.02 9.36
C PHE A 6 3.78 -6.08 9.54
N LEU A 7 4.46 -6.19 8.40
CA LEU A 7 5.90 -6.24 8.37
C LEU A 7 6.44 -5.00 7.64
N GLY A 8 7.33 -5.21 6.67
CA GLY A 8 7.89 -4.10 5.92
C GLY A 8 6.85 -3.38 5.06
N THR A 9 5.93 -4.15 4.51
CA THR A 9 4.89 -3.59 3.66
C THR A 9 3.75 -4.59 3.51
N CYS A 10 2.80 -4.27 2.64
CA CYS A 10 1.65 -5.14 2.41
C CYS A 10 1.94 -6.20 1.35
N TYR A 11 0.93 -6.99 1.02
CA TYR A 11 1.09 -8.05 0.03
C TYR A 11 0.73 -7.54 -1.36
N THR A 12 -0.25 -6.66 -1.45
CA THR A 12 -0.68 -6.12 -2.72
C THR A 12 0.45 -5.34 -3.39
N LYS A 13 0.88 -5.84 -4.55
CA LYS A 13 1.96 -5.22 -5.30
C LYS A 13 1.60 -3.80 -5.71
N GLY A 14 2.52 -2.89 -5.46
CA GLY A 14 2.29 -1.50 -5.79
C GLY A 14 1.80 -0.73 -4.59
N CYS A 15 1.19 -1.43 -3.65
CA CYS A 15 0.67 -0.80 -2.44
C CYS A 15 1.79 -0.59 -1.43
N SER A 16 2.10 0.68 -1.18
CA SER A 16 3.15 1.04 -0.24
C SER A 16 2.52 1.49 1.07
N CYS A 17 3.08 1.04 2.19
CA CYS A 17 2.53 1.40 3.49
C CYS A 17 2.77 2.89 3.79
N GLY A 18 1.79 3.50 4.44
CA GLY A 18 1.88 4.90 4.78
C GLY A 18 1.18 5.19 6.10
N GLU A 19 0.81 6.46 6.31
CA GLU A 19 0.15 6.90 7.53
C GLU A 19 -0.96 5.95 7.97
N TRP A 20 -1.06 5.76 9.29
CA TRP A 20 -2.06 4.87 9.90
C TRP A 20 -1.82 3.43 9.44
N LYS A 21 -0.60 3.17 8.98
CA LYS A 21 -0.20 1.86 8.49
C LYS A 21 -1.10 1.44 7.33
N LEU A 22 -1.45 2.40 6.48
CA LEU A 22 -2.31 2.14 5.34
C LEU A 22 -1.51 2.06 4.05
N CYS A 23 -1.68 0.99 3.30
CA CYS A 23 -0.97 0.80 2.05
C CYS A 23 -1.73 1.41 0.88
N TYR A 24 -1.02 2.14 0.04
CA TYR A 24 -1.61 2.77 -1.13
C TYR A 24 -0.84 2.35 -2.38
N GLY A 25 -1.58 1.89 -3.38
CA GLY A 25 -0.97 1.45 -4.61
C GLY A 25 -0.65 2.59 -5.54
N THR A 26 0.47 2.46 -6.24
CA THR A 26 0.91 3.46 -7.19
C THR A 26 1.51 2.77 -8.40
N ASN A 27 0.66 2.07 -9.14
CA ASN A 27 1.07 1.32 -10.32
C ASN A 27 0.98 2.20 -11.56
N GLY A 28 2.12 2.41 -12.22
CA GLY A 28 2.15 3.23 -13.41
C GLY A 28 1.63 4.63 -13.14
N GLY A 29 1.93 5.15 -11.95
CA GLY A 29 1.48 6.48 -11.59
C GLY A 29 0.04 6.50 -11.10
N THR A 30 -0.64 5.36 -11.15
CA THR A 30 -2.01 5.28 -10.70
C THR A 30 -2.06 5.01 -9.21
N ILE A 31 -2.66 5.93 -8.48
CA ILE A 31 -2.78 5.81 -7.03
C ILE A 31 -4.15 5.28 -6.66
N PHE A 32 -4.17 4.30 -5.78
CA PHE A 32 -5.40 3.69 -5.33
C PHE A 32 -5.23 3.10 -3.93
N ASP A 33 -6.26 3.22 -3.11
CA ASP A 33 -6.21 2.72 -1.74
C ASP A 33 -6.22 1.19 -1.72
N CYS A 1 -5.38 0.49 -0.93
CA CYS A 1 -5.39 -0.96 -0.91
C CYS A 1 -5.92 -1.45 0.42
N GLY A 2 -6.76 -2.47 0.36
CA GLY A 2 -7.33 -3.05 1.58
C GLY A 2 -6.32 -3.88 2.34
N GLU A 3 -5.20 -3.25 2.69
CA GLU A 3 -4.14 -3.92 3.41
C GLU A 3 -3.59 -3.05 4.53
N SER A 4 -2.60 -3.58 5.21
CA SER A 4 -1.92 -2.89 6.29
C SER A 4 -0.49 -3.39 6.34
N CYS A 5 0.47 -2.47 6.33
CA CYS A 5 1.88 -2.83 6.37
C CYS A 5 2.30 -3.28 7.77
N PHE A 6 1.60 -4.28 8.30
CA PHE A 6 1.89 -4.81 9.62
C PHE A 6 3.27 -5.45 9.67
N LEU A 7 3.70 -6.00 8.54
CA LEU A 7 5.00 -6.64 8.45
C LEU A 7 5.98 -5.73 7.72
N GLY A 8 5.86 -4.44 7.97
CA GLY A 8 6.74 -3.46 7.34
C GLY A 8 6.33 -3.14 5.92
N THR A 9 5.92 -4.16 5.17
CA THR A 9 5.53 -3.98 3.78
C THR A 9 4.18 -4.63 3.51
N CYS A 10 3.51 -4.15 2.47
CA CYS A 10 2.21 -4.69 2.07
C CYS A 10 2.41 -5.92 1.20
N TYR A 11 1.36 -6.69 1.00
CA TYR A 11 1.45 -7.90 0.19
C TYR A 11 1.15 -7.60 -1.28
N THR A 12 0.08 -6.86 -1.52
CA THR A 12 -0.32 -6.51 -2.87
C THR A 12 0.72 -5.59 -3.53
N LYS A 13 1.31 -6.06 -4.62
CA LYS A 13 2.33 -5.31 -5.33
C LYS A 13 1.80 -3.96 -5.79
N GLY A 14 2.60 -2.93 -5.56
CA GLY A 14 2.22 -1.59 -5.93
C GLY A 14 1.68 -0.83 -4.75
N CYS A 15 1.13 -1.54 -3.77
CA CYS A 15 0.59 -0.90 -2.58
C CYS A 15 1.73 -0.51 -1.64
N SER A 16 1.92 0.79 -1.51
CA SER A 16 2.97 1.33 -0.65
C SER A 16 2.43 1.57 0.74
N CYS A 17 3.20 1.24 1.75
CA CYS A 17 2.77 1.40 3.12
C CYS A 17 2.46 2.86 3.44
N GLY A 18 1.25 3.09 3.91
CA GLY A 18 0.82 4.43 4.26
C GLY A 18 1.19 4.75 5.69
N GLU A 19 1.49 6.02 5.96
CA GLU A 19 1.89 6.49 7.29
C GLU A 19 1.01 5.90 8.40
N TRP A 20 -0.29 5.91 8.21
CA TRP A 20 -1.23 5.37 9.18
C TRP A 20 -1.29 3.84 9.11
N LYS A 21 -0.14 3.21 8.85
CA LYS A 21 -0.02 1.76 8.75
C LYS A 21 -0.98 1.20 7.71
N LEU A 22 -1.16 1.93 6.62
CA LEU A 22 -2.07 1.50 5.55
C LEU A 22 -1.29 1.03 4.33
N CYS A 23 -1.95 0.99 3.18
CA CYS A 23 -1.32 0.57 1.93
C CYS A 23 -1.99 1.26 0.76
N TYR A 24 -1.22 1.91 -0.08
CA TYR A 24 -1.78 2.62 -1.24
C TYR A 24 -1.08 2.21 -2.51
N GLY A 25 -1.83 1.60 -3.41
CA GLY A 25 -1.28 1.17 -4.68
C GLY A 25 -0.91 2.31 -5.58
N THR A 26 0.32 2.29 -6.05
CA THR A 26 0.85 3.31 -6.93
C THR A 26 1.33 2.63 -8.21
N ASN A 27 0.38 2.10 -8.97
CA ASN A 27 0.67 1.39 -10.20
C ASN A 27 0.70 2.36 -11.38
N GLY A 28 1.89 2.53 -11.97
CA GLY A 28 2.03 3.42 -13.10
C GLY A 28 1.60 4.83 -12.78
N GLY A 29 1.90 5.29 -11.57
CA GLY A 29 1.54 6.62 -11.17
C GLY A 29 0.09 6.73 -10.69
N THR A 30 -0.65 5.63 -10.78
CA THR A 30 -2.03 5.63 -10.34
C THR A 30 -2.11 5.29 -8.86
N ILE A 31 -2.75 6.16 -8.11
CA ILE A 31 -2.87 5.97 -6.67
C ILE A 31 -4.27 5.46 -6.31
N PHE A 32 -4.31 4.37 -5.55
CA PHE A 32 -5.56 3.78 -5.12
C PHE A 32 -5.35 3.09 -3.77
N ASP A 33 -6.28 3.29 -2.86
CA ASP A 33 -6.17 2.71 -1.53
C ASP A 33 -6.30 1.19 -1.59
N CYS A 1 -5.22 0.30 -0.89
CA CYS A 1 -5.27 -1.15 -0.94
C CYS A 1 -5.81 -1.70 0.37
N GLY A 2 -6.71 -2.67 0.26
CA GLY A 2 -7.31 -3.29 1.43
C GLY A 2 -6.34 -4.14 2.22
N GLU A 3 -5.30 -3.53 2.75
CA GLU A 3 -4.29 -4.22 3.53
C GLU A 3 -3.72 -3.33 4.62
N SER A 4 -2.77 -3.87 5.35
CA SER A 4 -2.10 -3.15 6.41
C SER A 4 -0.69 -3.69 6.57
N CYS A 5 0.29 -2.82 6.47
CA CYS A 5 1.69 -3.20 6.58
C CYS A 5 2.08 -3.51 8.03
N PHE A 6 1.39 -4.50 8.61
CA PHE A 6 1.66 -4.92 9.97
C PHE A 6 3.08 -5.45 10.09
N LEU A 7 3.53 -6.13 9.04
CA LEU A 7 4.88 -6.67 9.00
C LEU A 7 5.80 -5.73 8.23
N GLY A 8 5.56 -4.43 8.38
CA GLY A 8 6.36 -3.43 7.70
C GLY A 8 6.01 -3.28 6.22
N THR A 9 5.86 -4.40 5.54
CA THR A 9 5.54 -4.39 4.12
C THR A 9 4.18 -5.03 3.86
N CYS A 10 3.54 -4.61 2.78
CA CYS A 10 2.25 -5.13 2.38
C CYS A 10 2.45 -6.34 1.46
N TYR A 11 1.40 -7.12 1.23
CA TYR A 11 1.51 -8.28 0.38
C TYR A 11 1.22 -7.94 -1.09
N THR A 12 0.14 -7.20 -1.34
CA THR A 12 -0.22 -6.83 -2.70
C THR A 12 0.87 -5.97 -3.32
N LYS A 13 1.49 -6.51 -4.38
CA LYS A 13 2.55 -5.83 -5.07
C LYS A 13 2.04 -4.54 -5.71
N GLY A 14 2.73 -3.45 -5.41
CA GLY A 14 2.31 -2.16 -5.91
C GLY A 14 1.80 -1.30 -4.78
N CYS A 15 1.27 -1.96 -3.76
CA CYS A 15 0.75 -1.26 -2.59
C CYS A 15 1.89 -0.96 -1.63
N SER A 16 2.14 0.32 -1.43
CA SER A 16 3.22 0.78 -0.57
C SER A 16 2.68 1.24 0.77
N CYS A 17 3.40 0.92 1.84
CA CYS A 17 3.01 1.32 3.18
C CYS A 17 3.19 2.82 3.38
N GLY A 18 2.33 3.42 4.19
CA GLY A 18 2.42 4.84 4.42
C GLY A 18 1.55 5.31 5.58
N GLU A 19 1.08 6.56 5.49
CA GLU A 19 0.24 7.20 6.51
C GLU A 19 -0.72 6.24 7.21
N TRP A 20 -0.72 6.31 8.54
CA TRP A 20 -1.58 5.47 9.39
C TRP A 20 -1.32 3.99 9.16
N LYS A 21 -0.11 3.68 8.68
CA LYS A 21 0.28 2.30 8.40
C LYS A 21 -0.69 1.70 7.38
N LEU A 22 -0.97 2.48 6.33
CA LEU A 22 -1.90 2.04 5.29
C LEU A 22 -1.15 1.72 4.00
N CYS A 23 -1.68 0.77 3.24
CA CYS A 23 -1.07 0.36 1.99
C CYS A 23 -1.76 1.04 0.81
N TYR A 24 -0.98 1.69 -0.04
CA TYR A 24 -1.54 2.35 -1.21
C TYR A 24 -0.80 1.95 -2.48
N GLY A 25 -1.54 1.44 -3.44
CA GLY A 25 -0.96 1.00 -4.69
C GLY A 25 -0.70 2.15 -5.63
N THR A 26 0.41 2.08 -6.34
CA THR A 26 0.76 3.12 -7.29
C THR A 26 1.13 2.48 -8.63
N ASN A 27 0.29 2.73 -9.64
CA ASN A 27 0.53 2.19 -10.96
C ASN A 27 0.08 3.20 -12.00
N GLY A 28 0.91 3.40 -13.03
CA GLY A 28 0.59 4.37 -14.07
C GLY A 28 0.43 5.77 -13.52
N GLY A 29 1.23 6.09 -12.51
CA GLY A 29 1.17 7.40 -11.88
C GLY A 29 -0.15 7.64 -11.16
N THR A 30 -0.80 6.55 -10.79
CA THR A 30 -2.06 6.63 -10.08
C THR A 30 -1.96 5.95 -8.72
N ILE A 31 -2.42 6.63 -7.69
CA ILE A 31 -2.39 6.10 -6.34
C ILE A 31 -3.79 5.68 -5.90
N PHE A 32 -3.90 4.47 -5.38
CA PHE A 32 -5.18 3.94 -4.92
C PHE A 32 -4.98 3.11 -3.66
N ASP A 33 -5.92 3.26 -2.72
CA ASP A 33 -5.84 2.56 -1.45
C ASP A 33 -6.00 1.05 -1.63
N CYS A 1 -5.65 0.39 -0.85
CA CYS A 1 -5.53 -1.06 -0.78
C CYS A 1 -5.90 -1.52 0.62
N GLY A 2 -6.75 -2.55 0.70
CA GLY A 2 -7.17 -3.07 1.99
C GLY A 2 -6.08 -3.85 2.69
N GLU A 3 -4.92 -3.23 2.86
CA GLU A 3 -3.79 -3.86 3.50
C GLU A 3 -3.06 -2.90 4.42
N SER A 4 -2.31 -3.47 5.33
CA SER A 4 -1.51 -2.72 6.27
C SER A 4 -0.18 -3.44 6.44
N CYS A 5 0.91 -2.71 6.47
CA CYS A 5 2.23 -3.29 6.61
C CYS A 5 2.46 -3.86 8.02
N PHE A 6 1.69 -4.88 8.37
CA PHE A 6 1.82 -5.51 9.68
C PHE A 6 3.13 -6.31 9.74
N LEU A 7 3.53 -6.85 8.60
CA LEU A 7 4.76 -7.61 8.50
C LEU A 7 5.83 -6.75 7.83
N GLY A 8 5.84 -5.47 8.17
CA GLY A 8 6.80 -4.54 7.61
C GLY A 8 6.44 -4.09 6.20
N THR A 9 6.12 -5.05 5.34
CA THR A 9 5.77 -4.76 3.96
C THR A 9 4.37 -5.29 3.63
N CYS A 10 3.70 -4.62 2.70
CA CYS A 10 2.35 -5.01 2.27
C CYS A 10 2.43 -6.27 1.40
N TYR A 11 1.29 -6.92 1.19
CA TYR A 11 1.27 -8.12 0.37
C TYR A 11 1.04 -7.77 -1.10
N THR A 12 0.11 -6.85 -1.35
CA THR A 12 -0.18 -6.44 -2.70
C THR A 12 0.92 -5.54 -3.24
N LYS A 13 1.67 -6.08 -4.18
CA LYS A 13 2.77 -5.36 -4.80
C LYS A 13 2.24 -4.18 -5.60
N GLY A 14 2.67 -3.00 -5.19
CA GLY A 14 2.22 -1.79 -5.80
C GLY A 14 1.63 -0.88 -4.74
N CYS A 15 1.09 -1.51 -3.70
CA CYS A 15 0.51 -0.79 -2.58
C CYS A 15 1.58 -0.48 -1.56
N SER A 16 1.86 0.81 -1.37
CA SER A 16 2.86 1.26 -0.43
C SER A 16 2.22 1.65 0.89
N CYS A 17 2.79 1.20 2.00
CA CYS A 17 2.23 1.51 3.31
C CYS A 17 2.43 2.99 3.64
N GLY A 18 1.34 3.72 3.66
CA GLY A 18 1.36 5.13 3.96
C GLY A 18 1.42 5.39 5.45
N GLU A 19 1.87 6.59 5.81
CA GLU A 19 2.02 7.06 7.20
C GLU A 19 0.95 6.53 8.15
N TRP A 20 -0.31 6.62 7.73
CA TRP A 20 -1.43 6.15 8.55
C TRP A 20 -1.53 4.61 8.54
N LYS A 21 -0.38 3.98 8.37
CA LYS A 21 -0.24 2.53 8.33
C LYS A 21 -1.22 1.90 7.35
N LEU A 22 -1.41 2.54 6.20
CA LEU A 22 -2.35 2.02 5.19
C LEU A 22 -1.69 1.93 3.82
N CYS A 23 -1.67 0.73 3.27
CA CYS A 23 -1.06 0.49 1.96
C CYS A 23 -1.93 1.04 0.83
N TYR A 24 -1.33 1.81 -0.07
CA TYR A 24 -2.05 2.36 -1.20
C TYR A 24 -1.24 2.16 -2.48
N GLY A 25 -1.91 1.70 -3.51
CA GLY A 25 -1.27 1.43 -4.77
C GLY A 25 -0.85 2.68 -5.51
N THR A 26 0.22 2.57 -6.27
CA THR A 26 0.74 3.67 -7.05
C THR A 26 1.38 3.10 -8.32
N ASN A 27 0.56 2.42 -9.10
CA ASN A 27 1.00 1.78 -10.33
C ASN A 27 0.87 2.73 -11.50
N GLY A 28 1.99 3.01 -12.16
CA GLY A 28 1.99 3.91 -13.30
C GLY A 28 1.43 5.27 -12.96
N GLY A 29 1.72 5.73 -11.75
CA GLY A 29 1.23 7.03 -11.32
C GLY A 29 -0.22 6.99 -10.86
N THR A 30 -0.82 5.81 -10.89
CA THR A 30 -2.21 5.66 -10.45
C THR A 30 -2.26 5.28 -8.99
N ILE A 31 -2.91 6.11 -8.20
CA ILE A 31 -3.05 5.87 -6.77
C ILE A 31 -4.42 5.28 -6.47
N PHE A 32 -4.43 4.23 -5.66
CA PHE A 32 -5.66 3.57 -5.28
C PHE A 32 -5.50 2.91 -3.91
N ASP A 33 -6.52 3.04 -3.07
CA ASP A 33 -6.48 2.49 -1.72
C ASP A 33 -6.44 0.96 -1.76
N CYS A 1 -5.61 0.38 -0.75
CA CYS A 1 -5.54 -1.07 -0.67
C CYS A 1 -5.88 -1.50 0.75
N GLY A 2 -6.76 -2.49 0.88
CA GLY A 2 -7.16 -2.99 2.17
C GLY A 2 -6.06 -3.78 2.87
N GLU A 3 -4.94 -3.12 3.11
CA GLU A 3 -3.80 -3.75 3.76
C GLU A 3 -3.02 -2.77 4.61
N SER A 4 -2.12 -3.32 5.39
CA SER A 4 -1.25 -2.55 6.25
C SER A 4 0.05 -3.32 6.40
N CYS A 5 1.16 -2.61 6.41
CA CYS A 5 2.47 -3.23 6.53
C CYS A 5 2.70 -3.82 7.92
N PHE A 6 1.91 -4.83 8.27
CA PHE A 6 2.03 -5.48 9.57
C PHE A 6 3.26 -6.38 9.59
N LEU A 7 3.59 -6.94 8.44
CA LEU A 7 4.75 -7.81 8.31
C LEU A 7 5.88 -7.04 7.63
N GLY A 8 6.10 -5.81 8.07
CA GLY A 8 7.14 -4.98 7.51
C GLY A 8 6.71 -4.33 6.21
N THR A 9 6.13 -5.11 5.31
CA THR A 9 5.67 -4.61 4.04
C THR A 9 4.30 -5.18 3.68
N CYS A 10 3.63 -4.57 2.72
CA CYS A 10 2.32 -5.01 2.27
C CYS A 10 2.47 -6.21 1.34
N TYR A 11 1.42 -7.00 1.20
CA TYR A 11 1.46 -8.18 0.35
C TYR A 11 1.08 -7.84 -1.10
N THR A 12 0.00 -7.08 -1.27
CA THR A 12 -0.44 -6.70 -2.61
C THR A 12 0.60 -5.82 -3.30
N LYS A 13 1.17 -6.37 -4.37
CA LYS A 13 2.20 -5.67 -5.13
C LYS A 13 1.64 -4.38 -5.72
N GLY A 14 2.38 -3.31 -5.52
CA GLY A 14 1.94 -2.01 -6.00
C GLY A 14 1.46 -1.16 -4.85
N CYS A 15 0.89 -1.83 -3.85
CA CYS A 15 0.39 -1.15 -2.67
C CYS A 15 1.53 -0.89 -1.69
N SER A 16 1.81 0.38 -1.44
CA SER A 16 2.89 0.76 -0.54
C SER A 16 2.32 1.33 0.75
N CYS A 17 2.90 0.93 1.87
CA CYS A 17 2.46 1.41 3.17
C CYS A 17 2.79 2.89 3.32
N GLY A 18 1.83 3.67 3.81
CA GLY A 18 2.05 5.08 3.98
C GLY A 18 1.21 5.66 5.10
N GLU A 19 0.77 6.91 4.93
CA GLU A 19 -0.03 7.63 5.93
C GLU A 19 -1.05 6.75 6.62
N TRP A 20 -1.13 6.92 7.95
CA TRP A 20 -2.05 6.17 8.81
C TRP A 20 -1.71 4.67 8.76
N LYS A 21 -0.47 4.38 8.36
CA LYS A 21 0.04 3.03 8.24
C LYS A 21 -0.85 2.23 7.29
N LEU A 22 -1.29 2.88 6.22
CA LEU A 22 -2.16 2.24 5.24
C LEU A 22 -1.44 2.01 3.93
N CYS A 23 -1.66 0.85 3.33
CA CYS A 23 -1.04 0.51 2.06
C CYS A 23 -1.89 1.04 0.90
N TYR A 24 -1.25 1.75 -0.01
CA TYR A 24 -1.96 2.29 -1.17
C TYR A 24 -1.15 2.06 -2.44
N GLY A 25 -1.82 1.62 -3.47
CA GLY A 25 -1.19 1.34 -4.73
C GLY A 25 -0.73 2.59 -5.45
N THR A 26 0.35 2.46 -6.19
CA THR A 26 0.92 3.56 -6.95
C THR A 26 1.52 3.04 -8.26
N ASN A 27 0.64 2.47 -9.07
CA ASN A 27 1.05 1.90 -10.36
C ASN A 27 0.99 2.94 -11.45
N GLY A 28 2.16 3.27 -12.00
CA GLY A 28 2.23 4.26 -13.06
C GLY A 28 1.69 5.60 -12.62
N GLY A 29 1.92 5.93 -11.35
CA GLY A 29 1.45 7.20 -10.82
C GLY A 29 -0.01 7.13 -10.38
N THR A 30 -0.67 6.01 -10.62
CA THR A 30 -2.05 5.85 -10.22
C THR A 30 -2.12 5.38 -8.77
N ILE A 31 -2.73 6.19 -7.94
CA ILE A 31 -2.87 5.88 -6.53
C ILE A 31 -4.25 5.33 -6.23
N PHE A 32 -4.29 4.23 -5.49
CA PHE A 32 -5.54 3.60 -5.12
C PHE A 32 -5.40 2.92 -3.78
N ASP A 33 -6.40 3.08 -2.92
CA ASP A 33 -6.39 2.51 -1.59
C ASP A 33 -6.40 0.98 -1.63
N CYS A 1 -5.51 0.72 -0.75
CA CYS A 1 -5.52 -0.73 -0.76
C CYS A 1 -5.87 -1.24 0.63
N GLY A 2 -6.67 -2.29 0.71
CA GLY A 2 -7.02 -2.87 2.00
C GLY A 2 -5.85 -3.66 2.56
N GLU A 3 -4.71 -3.00 2.61
CA GLU A 3 -3.47 -3.58 3.07
C GLU A 3 -2.98 -2.94 4.34
N SER A 4 -2.11 -3.65 5.02
CA SER A 4 -1.49 -3.17 6.24
C SER A 4 -0.12 -3.81 6.39
N CYS A 5 0.92 -2.99 6.40
CA CYS A 5 2.29 -3.47 6.51
C CYS A 5 2.61 -3.97 7.92
N PHE A 6 1.98 -5.07 8.30
CA PHE A 6 2.20 -5.67 9.62
C PHE A 6 3.67 -6.03 9.79
N LEU A 7 4.26 -6.54 8.73
CA LEU A 7 5.67 -6.91 8.75
C LEU A 7 6.50 -5.96 7.90
N GLY A 8 6.14 -4.68 7.95
CA GLY A 8 6.85 -3.67 7.19
C GLY A 8 6.45 -3.65 5.72
N THR A 9 6.35 -4.81 5.13
CA THR A 9 5.97 -4.94 3.73
C THR A 9 4.50 -5.33 3.59
N CYS A 10 3.85 -4.80 2.56
CA CYS A 10 2.45 -5.11 2.31
C CYS A 10 2.36 -6.40 1.51
N TYR A 11 1.18 -6.99 1.46
CA TYR A 11 1.00 -8.25 0.73
C TYR A 11 0.65 -7.97 -0.73
N THR A 12 -0.24 -7.01 -0.95
CA THR A 12 -0.64 -6.65 -2.31
C THR A 12 0.50 -5.91 -3.01
N LYS A 13 1.23 -6.63 -3.85
CA LYS A 13 2.36 -6.07 -4.59
C LYS A 13 1.91 -4.93 -5.49
N GLY A 14 2.26 -3.72 -5.06
CA GLY A 14 1.90 -2.53 -5.79
C GLY A 14 1.43 -1.47 -4.84
N CYS A 15 1.01 -1.94 -3.67
CA CYS A 15 0.52 -1.06 -2.63
C CYS A 15 1.63 -0.80 -1.61
N SER A 16 1.98 0.48 -1.42
CA SER A 16 3.03 0.86 -0.49
C SER A 16 2.44 1.42 0.80
N CYS A 17 2.92 0.93 1.93
CA CYS A 17 2.42 1.37 3.24
C CYS A 17 2.67 2.87 3.45
N GLY A 18 1.67 3.56 3.94
CA GLY A 18 1.78 4.98 4.18
C GLY A 18 0.87 5.45 5.31
N GLU A 19 0.33 6.66 5.17
CA GLU A 19 -0.56 7.28 6.16
C GLU A 19 -1.51 6.28 6.81
N TRP A 20 -1.61 6.36 8.15
CA TRP A 20 -2.47 5.48 8.95
C TRP A 20 -2.05 4.02 8.80
N LYS A 21 -0.79 3.83 8.42
CA LYS A 21 -0.22 2.49 8.22
C LYS A 21 -1.02 1.75 7.14
N LEU A 22 -1.48 2.50 6.15
CA LEU A 22 -2.27 1.91 5.07
C LEU A 22 -1.47 1.90 3.77
N CYS A 23 -1.48 0.77 3.10
CA CYS A 23 -0.75 0.65 1.83
C CYS A 23 -1.60 1.17 0.68
N TYR A 24 -0.99 1.98 -0.17
CA TYR A 24 -1.68 2.53 -1.32
C TYR A 24 -0.98 2.11 -2.61
N GLY A 25 -1.76 1.66 -3.57
CA GLY A 25 -1.22 1.22 -4.83
C GLY A 25 -0.79 2.37 -5.71
N THR A 26 0.34 2.20 -6.37
CA THR A 26 0.87 3.23 -7.25
C THR A 26 1.09 2.64 -8.65
N ASN A 27 0.00 2.40 -9.35
CA ASN A 27 0.07 1.83 -10.70
C ASN A 27 0.17 2.94 -11.72
N GLY A 28 1.30 2.97 -12.43
CA GLY A 28 1.52 3.99 -13.45
C GLY A 28 1.44 5.39 -12.88
N GLY A 29 1.90 5.55 -11.64
CA GLY A 29 1.86 6.84 -10.99
C GLY A 29 0.52 7.15 -10.36
N THR A 30 -0.45 6.26 -10.54
CA THR A 30 -1.77 6.46 -9.98
C THR A 30 -1.83 5.89 -8.56
N ILE A 31 -2.22 6.73 -7.62
CA ILE A 31 -2.32 6.31 -6.24
C ILE A 31 -3.76 5.95 -5.89
N PHE A 32 -3.94 4.77 -5.33
CA PHE A 32 -5.24 4.28 -4.93
C PHE A 32 -5.13 3.47 -3.65
N ASP A 33 -6.10 3.63 -2.76
CA ASP A 33 -6.09 2.95 -1.47
C ASP A 33 -6.19 1.43 -1.63
N CYS A 1 -5.16 0.16 -1.08
CA CYS A 1 -5.22 -1.29 -1.10
C CYS A 1 -5.81 -1.80 0.19
N GLY A 2 -6.68 -2.80 0.08
CA GLY A 2 -7.32 -3.38 1.25
C GLY A 2 -6.37 -4.21 2.09
N GLU A 3 -5.31 -3.59 2.56
CA GLU A 3 -4.31 -4.24 3.39
C GLU A 3 -3.83 -3.34 4.50
N SER A 4 -2.87 -3.83 5.24
CA SER A 4 -2.27 -3.09 6.34
C SER A 4 -0.83 -3.58 6.51
N CYS A 5 0.12 -2.65 6.46
CA CYS A 5 1.53 -3.00 6.60
C CYS A 5 1.90 -3.27 8.04
N PHE A 6 1.18 -4.19 8.68
CA PHE A 6 1.45 -4.55 10.07
C PHE A 6 2.84 -5.15 10.20
N LEU A 7 3.27 -5.86 9.16
CA LEU A 7 4.60 -6.46 9.14
C LEU A 7 5.57 -5.54 8.40
N GLY A 8 5.34 -4.23 8.50
CA GLY A 8 6.17 -3.26 7.85
C GLY A 8 5.88 -3.10 6.37
N THR A 9 5.76 -4.20 5.66
CA THR A 9 5.50 -4.17 4.23
C THR A 9 4.14 -4.77 3.89
N CYS A 10 3.54 -4.25 2.83
CA CYS A 10 2.25 -4.74 2.35
C CYS A 10 2.48 -6.02 1.56
N TYR A 11 1.44 -6.80 1.31
CA TYR A 11 1.58 -8.04 0.56
C TYR A 11 1.39 -7.79 -0.92
N THR A 12 0.32 -7.08 -1.27
CA THR A 12 0.03 -6.79 -2.67
C THR A 12 1.11 -5.89 -3.26
N LYS A 13 1.80 -6.41 -4.27
CA LYS A 13 2.87 -5.68 -4.94
C LYS A 13 2.32 -4.43 -5.60
N GLY A 14 2.94 -3.31 -5.30
CA GLY A 14 2.49 -2.05 -5.84
C GLY A 14 1.90 -1.19 -4.74
N CYS A 15 1.37 -1.85 -3.72
CA CYS A 15 0.79 -1.14 -2.59
C CYS A 15 1.89 -0.69 -1.64
N SER A 16 2.02 0.62 -1.49
CA SER A 16 3.03 1.21 -0.63
C SER A 16 2.46 1.49 0.74
N CYS A 17 3.23 1.19 1.77
CA CYS A 17 2.78 1.40 3.13
C CYS A 17 2.85 2.87 3.53
N GLY A 18 1.71 3.41 3.93
CA GLY A 18 1.64 4.78 4.39
C GLY A 18 1.84 4.79 5.89
N GLU A 19 2.51 5.83 6.43
CA GLU A 19 2.78 5.90 7.87
C GLU A 19 1.51 6.15 8.70
N TRP A 20 0.47 5.46 8.33
CA TRP A 20 -0.80 5.46 9.01
C TRP A 20 -1.15 4.00 9.12
N LYS A 21 -0.11 3.21 8.81
CA LYS A 21 -0.16 1.76 8.79
C LYS A 21 -1.15 1.31 7.73
N LEU A 22 -1.13 2.01 6.61
CA LEU A 22 -2.02 1.71 5.49
C LEU A 22 -1.22 1.28 4.27
N CYS A 23 -1.90 0.96 3.18
CA CYS A 23 -1.24 0.55 1.95
C CYS A 23 -1.96 1.10 0.74
N TYR A 24 -1.23 1.77 -0.13
CA TYR A 24 -1.82 2.34 -1.34
C TYR A 24 -0.98 2.02 -2.56
N GLY A 25 -1.61 1.38 -3.53
CA GLY A 25 -0.93 0.97 -4.74
C GLY A 25 -0.73 2.12 -5.71
N THR A 26 0.34 2.03 -6.49
CA THR A 26 0.64 3.03 -7.48
C THR A 26 0.98 2.36 -8.81
N ASN A 27 0.24 2.73 -9.85
CA ASN A 27 0.44 2.16 -11.17
C ASN A 27 0.05 3.18 -12.22
N GLY A 28 0.95 3.41 -13.17
CA GLY A 28 0.68 4.38 -14.22
C GLY A 28 0.44 5.78 -13.68
N GLY A 29 1.16 6.11 -12.60
CA GLY A 29 1.00 7.41 -11.98
C GLY A 29 -0.35 7.59 -11.32
N THR A 30 -0.98 6.49 -10.97
CA THR A 30 -2.28 6.52 -10.34
C THR A 30 -2.20 5.89 -8.95
N ILE A 31 -2.74 6.56 -7.96
CA ILE A 31 -2.73 6.08 -6.59
C ILE A 31 -4.10 5.52 -6.21
N PHE A 32 -4.09 4.33 -5.65
CA PHE A 32 -5.33 3.68 -5.21
C PHE A 32 -5.08 2.88 -3.94
N ASP A 33 -5.93 3.09 -2.95
CA ASP A 33 -5.79 2.41 -1.67
C ASP A 33 -5.96 0.90 -1.81
N CYS A 1 -5.65 0.49 -0.65
CA CYS A 1 -5.59 -0.95 -0.52
C CYS A 1 -5.87 -1.31 0.93
N GLY A 2 -6.78 -2.25 1.12
CA GLY A 2 -7.15 -2.69 2.46
C GLY A 2 -6.06 -3.55 3.08
N GLU A 3 -4.86 -3.00 3.14
CA GLU A 3 -3.71 -3.71 3.69
C GLU A 3 -2.91 -2.82 4.61
N SER A 4 -2.20 -3.44 5.54
CA SER A 4 -1.36 -2.74 6.46
C SER A 4 -0.07 -3.52 6.60
N CYS A 5 1.06 -2.82 6.51
CA CYS A 5 2.37 -3.47 6.60
C CYS A 5 2.65 -4.00 8.00
N PHE A 6 2.17 -5.21 8.28
CA PHE A 6 2.38 -5.84 9.57
C PHE A 6 3.86 -6.15 9.75
N LEU A 7 4.51 -6.51 8.64
CA LEU A 7 5.93 -6.82 8.66
C LEU A 7 6.69 -5.89 7.73
N GLY A 8 6.31 -4.62 7.74
CA GLY A 8 6.96 -3.62 6.90
C GLY A 8 6.49 -3.65 5.46
N THR A 9 6.30 -4.84 4.91
CA THR A 9 5.86 -5.01 3.54
C THR A 9 4.37 -5.35 3.48
N CYS A 10 3.70 -4.91 2.41
CA CYS A 10 2.29 -5.19 2.23
C CYS A 10 2.11 -6.56 1.57
N TYR A 11 1.00 -6.76 0.87
CA TYR A 11 0.76 -8.04 0.23
C TYR A 11 0.42 -7.84 -1.24
N THR A 12 -0.51 -6.94 -1.51
CA THR A 12 -0.92 -6.63 -2.87
C THR A 12 0.16 -5.84 -3.58
N LYS A 13 0.63 -6.37 -4.70
CA LYS A 13 1.67 -5.73 -5.48
C LYS A 13 1.21 -4.38 -5.98
N GLY A 14 2.02 -3.36 -5.73
CA GLY A 14 1.69 -2.02 -6.12
C GLY A 14 1.28 -1.19 -4.94
N CYS A 15 0.71 -1.85 -3.93
CA CYS A 15 0.28 -1.16 -2.72
C CYS A 15 1.47 -0.94 -1.79
N SER A 16 1.74 0.31 -1.48
CA SER A 16 2.85 0.66 -0.61
C SER A 16 2.32 1.23 0.71
N CYS A 17 2.87 0.73 1.82
CA CYS A 17 2.44 1.18 3.14
C CYS A 17 2.81 2.64 3.36
N GLY A 18 1.90 3.40 3.94
CA GLY A 18 2.15 4.79 4.19
C GLY A 18 1.24 5.37 5.26
N GLU A 19 0.93 6.66 5.12
CA GLU A 19 0.09 7.41 6.06
C GLU A 19 -1.11 6.61 6.56
N TRP A 20 -1.43 6.82 7.84
CA TRP A 20 -2.52 6.15 8.53
C TRP A 20 -2.24 4.66 8.66
N LYS A 21 -0.96 4.31 8.48
CA LYS A 21 -0.47 2.94 8.57
C LYS A 21 -1.25 2.05 7.59
N LEU A 22 -1.41 2.52 6.35
CA LEU A 22 -2.14 1.73 5.36
C LEU A 22 -1.40 1.69 4.03
N CYS A 23 -1.61 0.61 3.30
CA CYS A 23 -0.97 0.43 2.00
C CYS A 23 -1.81 1.01 0.88
N TYR A 24 -1.19 1.80 0.02
CA TYR A 24 -1.90 2.40 -1.10
C TYR A 24 -1.14 2.13 -2.40
N GLY A 25 -1.87 1.72 -3.41
CA GLY A 25 -1.27 1.42 -4.68
C GLY A 25 -0.77 2.66 -5.40
N THR A 26 0.36 2.53 -6.06
CA THR A 26 0.95 3.63 -6.80
C THR A 26 1.75 3.10 -7.99
N ASN A 27 1.05 2.47 -8.92
CA ASN A 27 1.70 1.91 -10.10
C ASN A 27 1.74 2.95 -11.22
N GLY A 28 2.94 3.40 -11.55
CA GLY A 28 3.10 4.39 -12.60
C GLY A 28 2.32 5.65 -12.34
N GLY A 29 2.18 6.03 -11.07
CA GLY A 29 1.44 7.22 -10.71
C GLY A 29 0.00 6.94 -10.36
N THR A 30 -0.49 5.74 -10.68
CA THR A 30 -1.87 5.40 -10.37
C THR A 30 -2.00 5.10 -8.88
N ILE A 31 -2.76 5.94 -8.20
CA ILE A 31 -2.97 5.81 -6.77
C ILE A 31 -4.34 5.20 -6.47
N PHE A 32 -4.38 4.25 -5.55
CA PHE A 32 -5.62 3.60 -5.15
C PHE A 32 -5.45 2.98 -3.77
N ASP A 33 -6.46 3.13 -2.93
CA ASP A 33 -6.42 2.60 -1.57
C ASP A 33 -6.43 1.08 -1.56
N CYS A 1 -5.77 0.68 -0.69
CA CYS A 1 -5.67 -0.76 -0.53
C CYS A 1 -5.90 -1.14 0.93
N GLY A 2 -6.69 -2.19 1.14
CA GLY A 2 -6.94 -2.66 2.50
C GLY A 2 -5.74 -3.44 3.02
N GLU A 3 -4.57 -2.86 2.79
CA GLU A 3 -3.31 -3.45 3.18
C GLU A 3 -2.65 -2.67 4.30
N SER A 4 -1.74 -3.34 4.98
CA SER A 4 -1.00 -2.73 6.06
C SER A 4 0.36 -3.41 6.15
N CYS A 5 1.42 -2.61 6.23
CA CYS A 5 2.77 -3.16 6.31
C CYS A 5 3.09 -3.65 7.72
N PHE A 6 2.22 -4.48 8.27
CA PHE A 6 2.42 -5.02 9.61
C PHE A 6 3.63 -5.95 9.61
N LEU A 7 3.85 -6.64 8.50
CA LEU A 7 4.97 -7.54 8.36
C LEU A 7 6.09 -6.86 7.58
N GLY A 8 6.29 -5.58 7.87
CA GLY A 8 7.33 -4.81 7.19
C GLY A 8 6.89 -4.32 5.82
N THR A 9 6.23 -5.18 5.06
CA THR A 9 5.78 -4.81 3.72
C THR A 9 4.37 -5.34 3.46
N CYS A 10 3.61 -4.61 2.65
CA CYS A 10 2.24 -4.99 2.31
C CYS A 10 2.25 -6.25 1.44
N TYR A 11 1.13 -6.95 1.40
CA TYR A 11 1.01 -8.18 0.61
C TYR A 11 0.59 -7.88 -0.83
N THR A 12 -0.37 -6.98 -0.99
CA THR A 12 -0.85 -6.63 -2.31
C THR A 12 0.19 -5.80 -3.07
N LYS A 13 0.83 -6.45 -4.04
CA LYS A 13 1.86 -5.81 -4.85
C LYS A 13 1.34 -4.56 -5.54
N GLY A 14 2.05 -3.47 -5.36
CA GLY A 14 1.64 -2.21 -5.95
C GLY A 14 1.19 -1.25 -4.88
N CYS A 15 0.68 -1.80 -3.79
CA CYS A 15 0.21 -1.01 -2.67
C CYS A 15 1.38 -0.67 -1.75
N SER A 16 1.66 0.61 -1.58
CA SER A 16 2.76 1.06 -0.74
C SER A 16 2.23 1.57 0.59
N CYS A 17 2.85 1.12 1.67
CA CYS A 17 2.44 1.52 3.02
C CYS A 17 2.63 3.02 3.23
N GLY A 18 1.69 3.64 3.92
CA GLY A 18 1.76 5.06 4.17
C GLY A 18 1.03 5.45 5.44
N GLU A 19 0.58 6.71 5.50
CA GLU A 19 -0.12 7.26 6.67
C GLU A 19 -1.14 6.29 7.25
N TRP A 20 -1.24 6.32 8.59
CA TRP A 20 -2.15 5.46 9.34
C TRP A 20 -1.80 3.98 9.12
N LYS A 21 -0.56 3.75 8.69
CA LYS A 21 -0.06 2.41 8.40
C LYS A 21 -0.94 1.74 7.36
N LEU A 22 -1.37 2.53 6.38
CA LEU A 22 -2.24 2.03 5.32
C LEU A 22 -1.53 2.03 3.97
N CYS A 23 -1.62 0.92 3.26
CA CYS A 23 -0.97 0.81 1.96
C CYS A 23 -1.89 1.29 0.83
N TYR A 24 -1.31 2.03 -0.10
CA TYR A 24 -2.06 2.54 -1.25
C TYR A 24 -1.29 2.27 -2.53
N GLY A 25 -2.00 1.79 -3.54
CA GLY A 25 -1.38 1.47 -4.80
C GLY A 25 -0.89 2.68 -5.54
N THR A 26 0.25 2.54 -6.20
CA THR A 26 0.85 3.63 -6.95
C THR A 26 1.66 3.08 -8.12
N ASN A 27 0.98 2.41 -9.04
CA ASN A 27 1.66 1.84 -10.20
C ASN A 27 1.68 2.84 -11.35
N GLY A 28 2.89 3.30 -11.69
CA GLY A 28 3.04 4.25 -12.77
C GLY A 28 2.22 5.51 -12.56
N GLY A 29 2.08 5.93 -11.30
CA GLY A 29 1.31 7.12 -11.01
C GLY A 29 -0.14 6.82 -10.64
N THR A 30 -0.60 5.60 -10.93
CA THR A 30 -1.96 5.23 -10.61
C THR A 30 -2.10 4.99 -9.11
N ILE A 31 -2.87 5.86 -8.46
CA ILE A 31 -3.09 5.79 -7.03
C ILE A 31 -4.45 5.19 -6.70
N PHE A 32 -4.48 4.28 -5.73
CA PHE A 32 -5.73 3.65 -5.30
C PHE A 32 -5.55 3.07 -3.91
N ASP A 33 -6.56 3.23 -3.08
CA ASP A 33 -6.53 2.75 -1.70
C ASP A 33 -6.49 1.22 -1.66
N CYS A 1 -5.39 0.54 -0.68
CA CYS A 1 -5.34 -0.92 -0.69
C CYS A 1 -5.85 -1.47 0.64
N GLY A 2 -6.79 -2.39 0.52
CA GLY A 2 -7.39 -3.03 1.69
C GLY A 2 -6.46 -4.03 2.36
N GLU A 3 -5.32 -3.54 2.83
CA GLU A 3 -4.35 -4.38 3.50
C GLU A 3 -3.76 -3.66 4.71
N SER A 4 -2.74 -4.25 5.30
CA SER A 4 -2.08 -3.66 6.44
C SER A 4 -0.62 -4.10 6.47
N CYS A 5 0.27 -3.14 6.30
CA CYS A 5 1.71 -3.41 6.31
C CYS A 5 2.21 -3.54 7.74
N PHE A 6 1.60 -4.47 8.48
CA PHE A 6 1.96 -4.72 9.86
C PHE A 6 3.43 -5.07 9.97
N LEU A 7 3.92 -5.86 9.02
CA LEU A 7 5.32 -6.25 9.00
C LEU A 7 6.19 -5.12 8.49
N GLY A 8 5.79 -4.54 7.36
CA GLY A 8 6.53 -3.45 6.77
C GLY A 8 5.98 -3.09 5.40
N THR A 9 5.60 -4.12 4.66
CA THR A 9 5.06 -3.95 3.33
C THR A 9 3.92 -4.95 3.13
N CYS A 10 2.88 -4.54 2.42
CA CYS A 10 1.73 -5.40 2.17
C CYS A 10 2.05 -6.43 1.08
N TYR A 11 1.06 -7.23 0.71
CA TYR A 11 1.24 -8.25 -0.30
C TYR A 11 0.96 -7.72 -1.71
N THR A 12 -0.08 -6.90 -1.84
CA THR A 12 -0.45 -6.37 -3.14
C THR A 12 0.68 -5.50 -3.71
N LYS A 13 1.29 -6.00 -4.78
CA LYS A 13 2.40 -5.31 -5.43
C LYS A 13 1.92 -3.99 -6.02
N GLY A 14 2.50 -2.91 -5.52
CA GLY A 14 2.13 -1.60 -5.96
C GLY A 14 1.66 -0.79 -4.78
N CYS A 15 1.11 -1.48 -3.80
CA CYS A 15 0.62 -0.85 -2.58
C CYS A 15 1.80 -0.57 -1.66
N SER A 16 2.07 0.70 -1.43
CA SER A 16 3.18 1.11 -0.59
C SER A 16 2.69 1.51 0.79
N CYS A 17 3.40 1.07 1.81
CA CYS A 17 3.04 1.38 3.18
C CYS A 17 3.24 2.87 3.45
N GLY A 18 2.25 3.49 4.08
CA GLY A 18 2.33 4.90 4.37
C GLY A 18 1.53 5.29 5.60
N GLU A 19 1.10 6.56 5.65
CA GLU A 19 0.35 7.12 6.77
C GLU A 19 -0.71 6.15 7.30
N TRP A 20 -0.84 6.14 8.63
CA TRP A 20 -1.79 5.28 9.34
C TRP A 20 -1.39 3.81 9.17
N LYS A 21 -0.14 3.60 8.74
CA LYS A 21 0.40 2.26 8.53
C LYS A 21 -0.48 1.52 7.52
N LEU A 22 -0.88 2.27 6.49
CA LEU A 22 -1.76 1.73 5.46
C LEU A 22 -1.05 1.72 4.11
N CYS A 23 -1.33 0.71 3.29
CA CYS A 23 -0.71 0.61 1.99
C CYS A 23 -1.56 1.27 0.91
N TYR A 24 -0.92 2.09 0.09
CA TYR A 24 -1.61 2.77 -1.00
C TYR A 24 -0.95 2.39 -2.31
N GLY A 25 -1.76 1.94 -3.25
CA GLY A 25 -1.25 1.55 -4.54
C GLY A 25 -0.79 2.73 -5.35
N THR A 26 0.29 2.55 -6.08
CA THR A 26 0.86 3.58 -6.92
C THR A 26 1.52 2.91 -8.12
N ASN A 27 0.68 2.19 -8.87
CA ASN A 27 1.14 1.45 -10.03
C ASN A 27 1.08 2.32 -11.27
N GLY A 28 2.25 2.68 -11.79
CA GLY A 28 2.32 3.53 -12.96
C GLY A 28 1.69 4.88 -12.72
N GLY A 29 1.82 5.38 -11.49
CA GLY A 29 1.25 6.67 -11.15
C GLY A 29 -0.18 6.57 -10.66
N THR A 30 -0.80 5.41 -10.83
CA THR A 30 -2.16 5.21 -10.39
C THR A 30 -2.21 4.99 -8.89
N ILE A 31 -2.82 5.92 -8.18
CA ILE A 31 -2.93 5.85 -6.74
C ILE A 31 -4.32 5.34 -6.33
N PHE A 32 -4.33 4.39 -5.41
CA PHE A 32 -5.58 3.81 -4.93
C PHE A 32 -5.37 3.16 -3.57
N ASP A 33 -6.35 3.28 -2.69
CA ASP A 33 -6.26 2.71 -1.35
C ASP A 33 -6.28 1.19 -1.43
N CYS A 1 -5.54 0.53 -0.80
CA CYS A 1 -5.52 -0.92 -0.77
C CYS A 1 -5.92 -1.40 0.62
N GLY A 2 -6.87 -2.33 0.67
CA GLY A 2 -7.33 -2.87 1.94
C GLY A 2 -6.31 -3.83 2.53
N GLU A 3 -5.12 -3.30 2.74
CA GLU A 3 -4.01 -4.08 3.25
C GLU A 3 -3.68 -3.77 4.70
N SER A 4 -2.68 -4.46 5.20
CA SER A 4 -2.23 -4.30 6.57
C SER A 4 -0.74 -4.60 6.65
N CYS A 5 0.08 -3.60 6.33
CA CYS A 5 1.54 -3.73 6.37
C CYS A 5 2.05 -3.76 7.81
N PHE A 6 1.54 -4.71 8.60
CA PHE A 6 1.94 -4.84 9.99
C PHE A 6 3.44 -5.06 10.11
N LEU A 7 4.00 -5.77 9.13
CA LEU A 7 5.43 -6.05 9.10
C LEU A 7 6.15 -5.03 8.21
N GLY A 8 5.54 -3.87 8.06
CA GLY A 8 6.11 -2.81 7.24
C GLY A 8 5.89 -3.01 5.75
N THR A 9 5.98 -4.24 5.31
CA THR A 9 5.80 -4.56 3.90
C THR A 9 4.37 -5.02 3.62
N CYS A 10 3.88 -4.70 2.43
CA CYS A 10 2.54 -5.08 2.01
C CYS A 10 2.64 -6.33 1.13
N TYR A 11 1.56 -7.08 1.04
CA TYR A 11 1.54 -8.29 0.23
C TYR A 11 1.09 -7.97 -1.19
N THR A 12 0.11 -7.08 -1.30
CA THR A 12 -0.43 -6.66 -2.58
C THR A 12 0.59 -5.78 -3.32
N LYS A 13 1.13 -6.33 -4.41
CA LYS A 13 2.11 -5.63 -5.21
C LYS A 13 1.51 -4.34 -5.78
N GLY A 14 2.28 -3.27 -5.68
CA GLY A 14 1.82 -1.99 -6.14
C GLY A 14 1.38 -1.13 -4.98
N CYS A 15 0.88 -1.79 -3.93
CA CYS A 15 0.43 -1.09 -2.73
C CYS A 15 1.61 -0.88 -1.79
N SER A 16 1.91 0.38 -1.50
CA SER A 16 3.03 0.71 -0.63
C SER A 16 2.53 1.21 0.72
N CYS A 17 3.17 0.73 1.78
CA CYS A 17 2.79 1.12 3.14
C CYS A 17 3.10 2.60 3.36
N GLY A 18 2.17 3.31 3.98
CA GLY A 18 2.37 4.72 4.22
C GLY A 18 1.55 5.23 5.40
N GLU A 19 1.08 6.48 5.30
CA GLU A 19 0.30 7.13 6.35
C GLU A 19 -0.71 6.20 7.01
N TRP A 20 -0.76 6.26 8.34
CA TRP A 20 -1.65 5.43 9.15
C TRP A 20 -1.31 3.95 8.97
N LYS A 21 -0.08 3.70 8.53
CA LYS A 21 0.42 2.36 8.26
C LYS A 21 -0.51 1.65 7.29
N LEU A 22 -0.92 2.40 6.26
CA LEU A 22 -1.85 1.88 5.27
C LEU A 22 -1.18 1.76 3.90
N CYS A 23 -1.43 0.65 3.22
CA CYS A 23 -0.85 0.42 1.91
C CYS A 23 -1.68 1.07 0.80
N TYR A 24 -1.02 1.88 -0.01
CA TYR A 24 -1.69 2.55 -1.11
C TYR A 24 -0.98 2.22 -2.43
N GLY A 25 -1.76 1.81 -3.41
CA GLY A 25 -1.22 1.45 -4.69
C GLY A 25 -0.76 2.64 -5.50
N THR A 26 0.32 2.45 -6.22
CA THR A 26 0.90 3.49 -7.05
C THR A 26 1.34 2.89 -8.38
N ASN A 27 0.36 2.43 -9.16
CA ASN A 27 0.64 1.81 -10.44
C ASN A 27 0.67 2.87 -11.53
N GLY A 28 1.83 3.04 -12.15
CA GLY A 28 1.98 4.03 -13.20
C GLY A 28 1.62 5.41 -12.73
N GLY A 29 1.93 5.71 -11.47
CA GLY A 29 1.62 7.00 -10.92
C GLY A 29 0.19 7.11 -10.42
N THR A 30 -0.61 6.07 -10.65
CA THR A 30 -1.99 6.08 -10.21
C THR A 30 -2.08 5.63 -8.76
N ILE A 31 -2.66 6.48 -7.93
CA ILE A 31 -2.81 6.19 -6.52
C ILE A 31 -4.19 5.59 -6.23
N PHE A 32 -4.21 4.51 -5.47
CA PHE A 32 -5.46 3.85 -5.11
C PHE A 32 -5.31 3.15 -3.77
N ASP A 33 -6.30 3.31 -2.91
CA ASP A 33 -6.26 2.71 -1.57
C ASP A 33 -6.31 1.18 -1.65
#